data_9QWN
#
_entry.id   9QWN
#
_cell.length_a   1.00
_cell.length_b   1.00
_cell.length_c   1.00
_cell.angle_alpha   90.00
_cell.angle_beta   90.00
_cell.angle_gamma   90.00
#
_symmetry.space_group_name_H-M   'P 1'
#
loop_
_entity.id
_entity.type
_entity.pdbx_description
1 polymer 'Isoform 2 of Regulator of nonsense transcripts 1'
2 polymer 'RNA stem loop'
3 non-polymer 'ZINC ION'
#
loop_
_entity_poly.entity_id
_entity_poly.type
_entity_poly.pdbx_seq_one_letter_code
_entity_poly.pdbx_strand_id
1 'polypeptide(L)'
;TKDLPIHACSYCGIHDPACVVYCNTSKKWFCNGRGNTSGSHIVNHLVRAKCKEVTLHKDGPLGETVLECYNCGCRNVFLL
GFIPAKADSVVVLLCRQPCASQSSLKDINWDSSQWQPLIQDRCFLSWLVKIPSEQEQLRARQITAQQINKLEELWKENPS
ATLEDLEKPGVDEEPQHVLLRYEDAYQYQNIFGPLVKLEADYDKKLKESQTQDNITVRWDLGLNKKRIAYFTLPKTDSDM
RLMQGDEICLRYKGDLAPLWKGIGHVIKVPDNYGDEIAIELRSSVGAPVETVHNFQVDFVWKSTSFDRMQSALKTFAVDE
TSVSGYIYHKLLGHEVEDVITKCQLPKRFTAQGLPDLNHSQVYAVKTVLQRPLSLIQGPPGTGKTVTSATIVYHLARQGN
GPVLVCAPSNIAVDQLTEKIHQTGLKVVRLCAKSREAIDSPVSFLALHNQIRNMDSMPELQKLQQLKDETGELSSADEKR
YRALKRTAERELLMNADVICCTCVGAGDPRLAKMQFRSILIDESTQATEPECMVPVVLGAKQLILVGDHCQLGPVVMCKK
AAKAGLSQSLFERLVVLGIRPIRLQVQYRMHPALSAFPSNIFYEGSLQNGVTAADRVKKGFDFQWPQPDKPMFFYVTQGQ
EEIASSGTSYLNRTEAANVEKITTKLLKAGAKPDQIGIITPYEGQRSYLVQYMQFSGSLHTKLYQEVEIASVDAFQGREK
DFIILSCVRANEHQGIGFLNDPRRLNVALTRARYGVIIVGNPKALSKQPLWNHLLNYYKEQKVLVEGPLNNLRESLMQFS
;
A
2 'polyribonucleotide' UUUUUUUUUUUUCCAAAGGCUCUUUUCAGAGCCACCCA D
#
loop_
_chem_comp.id
_chem_comp.type
_chem_comp.name
_chem_comp.formula
A RNA linking ADENOSINE-5'-MONOPHOSPHATE 'C10 H14 N5 O7 P'
C RNA linking CYTIDINE-5'-MONOPHOSPHATE 'C9 H14 N3 O8 P'
G RNA linking GUANOSINE-5'-MONOPHOSPHATE 'C10 H14 N5 O8 P'
U RNA linking URIDINE-5'-MONOPHOSPHATE 'C9 H13 N2 O9 P'
ZN non-polymer 'ZINC ION' 'Zn 2'
#
# COMPACT_ATOMS: atom_id res chain seq x y z
N LYS A 2 -7.13 47.18 8.35
CA LYS A 2 -7.63 47.05 9.71
C LYS A 2 -8.45 45.77 9.88
N ASP A 3 -9.75 45.94 10.03
CA ASP A 3 -10.64 44.80 10.21
C ASP A 3 -10.71 44.00 8.91
N LEU A 4 -10.56 42.68 9.03
CA LEU A 4 -10.59 41.83 7.85
C LEU A 4 -12.01 41.79 7.29
N PRO A 5 -12.16 41.85 5.96
CA PRO A 5 -13.50 41.76 5.36
C PRO A 5 -14.08 40.35 5.48
N ILE A 6 -15.33 40.18 5.04
CA ILE A 6 -15.95 38.87 5.08
C ILE A 6 -15.21 37.89 4.18
N HIS A 7 -14.70 38.36 3.05
CA HIS A 7 -13.94 37.55 2.12
C HIS A 7 -12.46 37.86 2.33
N ALA A 8 -11.84 37.19 3.30
CA ALA A 8 -10.44 37.40 3.60
C ALA A 8 -9.77 36.05 3.81
N CYS A 9 -8.51 35.95 3.40
CA CYS A 9 -7.77 34.71 3.56
C CYS A 9 -7.56 34.42 5.04
N SER A 10 -7.74 33.15 5.42
CA SER A 10 -7.47 32.76 6.80
C SER A 10 -5.99 32.86 7.11
N TYR A 11 -5.13 32.47 6.17
CA TYR A 11 -3.70 32.48 6.42
C TYR A 11 -3.15 33.91 6.50
N CYS A 12 -3.52 34.76 5.53
CA CYS A 12 -2.93 36.09 5.44
C CYS A 12 -3.95 37.22 5.50
N GLY A 13 -5.15 37.02 4.97
CA GLY A 13 -6.16 38.07 5.00
C GLY A 13 -6.16 39.01 3.82
N ILE A 14 -5.52 38.64 2.71
CA ILE A 14 -5.52 39.49 1.53
C ILE A 14 -6.94 39.59 0.99
N HIS A 15 -7.39 40.82 0.76
CA HIS A 15 -8.74 41.08 0.29
C HIS A 15 -8.68 41.67 -1.11
N ASP A 16 -9.39 41.04 -2.04
CA ASP A 16 -9.47 41.45 -3.43
C ASP A 16 -10.59 40.67 -4.10
N PRO A 17 -11.33 41.27 -5.04
CA PRO A 17 -12.46 40.55 -5.66
C PRO A 17 -12.06 39.24 -6.30
N ALA A 18 -11.15 39.27 -7.27
CA ALA A 18 -10.70 38.05 -7.93
C ALA A 18 -9.44 37.49 -7.29
N CYS A 19 -9.45 37.37 -5.96
CA CYS A 19 -8.33 36.74 -5.26
C CYS A 19 -8.74 35.83 -4.11
N VAL A 20 -9.99 35.89 -3.65
CA VAL A 20 -10.44 35.11 -2.50
C VAL A 20 -11.42 34.05 -2.98
N VAL A 21 -11.19 32.81 -2.57
CA VAL A 21 -12.05 31.69 -2.88
C VAL A 21 -12.70 31.21 -1.58
N TYR A 22 -14.02 31.02 -1.62
CA TYR A 22 -14.76 30.57 -0.46
C TYR A 22 -14.94 29.05 -0.52
N CYS A 23 -14.69 28.40 0.61
CA CYS A 23 -14.85 26.96 0.71
C CYS A 23 -16.17 26.66 1.42
N ASN A 24 -17.00 25.83 0.79
CA ASN A 24 -18.27 25.47 1.42
C ASN A 24 -18.07 24.53 2.60
N THR A 25 -17.04 23.70 2.56
CA THR A 25 -16.81 22.76 3.65
C THR A 25 -16.29 23.48 4.90
N SER A 26 -15.34 24.38 4.73
CA SER A 26 -14.72 25.06 5.86
C SER A 26 -15.36 26.41 6.17
N LYS A 27 -16.24 26.91 5.31
CA LYS A 27 -16.90 28.20 5.49
C LYS A 27 -15.89 29.32 5.71
N LYS A 28 -14.81 29.29 4.92
CA LYS A 28 -13.75 30.29 5.05
C LYS A 28 -13.26 30.69 3.67
N TRP A 29 -12.66 31.87 3.59
CA TRP A 29 -12.05 32.39 2.38
C TRP A 29 -10.55 32.24 2.44
N PHE A 30 -9.95 31.98 1.27
CA PHE A 30 -8.50 31.82 1.17
C PHE A 30 -8.00 32.49 -0.10
N CYS A 31 -6.74 32.92 -0.07
CA CYS A 31 -6.16 33.61 -1.21
C CYS A 31 -5.49 32.62 -2.15
N ASN A 32 -5.34 33.02 -3.41
CA ASN A 32 -4.64 32.23 -4.41
C ASN A 32 -3.16 32.60 -4.51
N GLY A 33 -2.68 33.52 -3.67
CA GLY A 33 -1.29 33.89 -3.73
C GLY A 33 -0.37 32.73 -3.38
N ARG A 34 0.76 32.66 -4.07
CA ARG A 34 1.72 31.60 -3.80
C ARG A 34 2.30 31.72 -2.39
N GLY A 35 2.63 32.94 -1.98
CA GLY A 35 3.19 33.12 -0.66
C GLY A 35 4.61 32.59 -0.57
N ASN A 36 5.08 32.44 0.68
CA ASN A 36 6.42 31.91 0.90
C ASN A 36 6.51 30.46 0.43
N THR A 37 5.48 29.67 0.69
CA THR A 37 5.49 28.27 0.27
C THR A 37 5.31 28.17 -1.24
N SER A 38 5.62 26.98 -1.77
CA SER A 38 5.53 26.75 -3.20
C SER A 38 4.10 26.64 -3.70
N GLY A 39 3.12 26.45 -2.82
CA GLY A 39 1.74 26.32 -3.24
C GLY A 39 0.86 27.45 -2.79
N SER A 40 -0.26 27.67 -3.49
CA SER A 40 -1.19 28.71 -3.11
C SER A 40 -1.89 28.36 -1.80
N HIS A 41 -2.33 29.41 -1.10
CA HIS A 41 -2.99 29.19 0.19
C HIS A 41 -4.27 28.38 0.04
N ILE A 42 -5.08 28.70 -0.96
CA ILE A 42 -6.36 28.02 -1.12
C ILE A 42 -6.16 26.55 -1.47
N VAL A 43 -5.22 26.27 -2.38
CA VAL A 43 -4.94 24.89 -2.76
C VAL A 43 -4.41 24.11 -1.57
N ASN A 44 -3.53 24.74 -0.78
CA ASN A 44 -3.01 24.08 0.41
C ASN A 44 -4.12 23.77 1.40
N HIS A 45 -5.04 24.70 1.60
CA HIS A 45 -6.17 24.44 2.49
C HIS A 45 -7.02 23.30 1.97
N LEU A 46 -7.29 23.28 0.67
CA LEU A 46 -8.09 22.21 0.10
C LEU A 46 -7.43 20.85 0.28
N VAL A 47 -6.12 20.75 0.03
CA VAL A 47 -5.46 19.46 0.13
C VAL A 47 -5.35 19.02 1.59
N ARG A 48 -5.08 19.96 2.51
CA ARG A 48 -4.89 19.57 3.91
C ARG A 48 -6.21 19.23 4.58
N ALA A 49 -7.26 20.01 4.30
CA ALA A 49 -8.55 19.81 4.95
C ALA A 49 -9.45 18.84 4.22
N LYS A 50 -8.98 18.26 3.11
CA LYS A 50 -9.72 17.26 2.34
C LYS A 50 -11.05 17.79 1.81
N CYS A 51 -11.20 19.11 1.73
CA CYS A 51 -12.41 19.68 1.18
C CYS A 51 -12.45 19.49 -0.34
N LYS A 52 -13.66 19.53 -0.90
CA LYS A 52 -13.82 19.38 -2.34
C LYS A 52 -14.87 20.31 -2.91
N GLU A 53 -15.25 21.36 -2.18
CA GLU A 53 -16.26 22.30 -2.63
C GLU A 53 -15.63 23.68 -2.80
N VAL A 54 -15.90 24.32 -3.93
CA VAL A 54 -15.31 25.60 -4.27
C VAL A 54 -16.41 26.58 -4.64
N THR A 55 -16.37 27.78 -4.08
CA THR A 55 -17.32 28.83 -4.39
C THR A 55 -16.55 30.08 -4.78
N LEU A 56 -16.85 30.62 -5.96
CA LEU A 56 -16.18 31.81 -6.43
C LEU A 56 -16.69 33.04 -5.68
N HIS A 57 -15.85 34.07 -5.65
CA HIS A 57 -16.21 35.32 -4.99
C HIS A 57 -17.31 36.04 -5.76
N LYS A 58 -18.04 36.91 -5.05
CA LYS A 58 -19.15 37.62 -5.66
C LYS A 58 -18.67 38.52 -6.79
N ASP A 59 -17.52 39.18 -6.60
CA ASP A 59 -16.97 40.08 -7.59
C ASP A 59 -15.75 39.43 -8.25
N GLY A 60 -15.73 39.43 -9.58
CA GLY A 60 -14.63 38.85 -10.31
C GLY A 60 -14.94 38.72 -11.79
N PRO A 61 -14.05 38.06 -12.54
CA PRO A 61 -14.33 37.86 -13.97
C PRO A 61 -15.58 37.05 -14.23
N LEU A 62 -15.92 36.12 -13.33
CA LEU A 62 -17.13 35.33 -13.47
C LEU A 62 -18.19 35.64 -12.42
N GLY A 63 -17.80 36.23 -11.29
CA GLY A 63 -18.78 36.55 -10.26
C GLY A 63 -19.12 35.35 -9.40
N GLU A 64 -20.32 35.40 -8.81
CA GLU A 64 -20.78 34.33 -7.93
C GLU A 64 -21.11 33.09 -8.73
N THR A 65 -20.17 32.16 -8.86
CA THR A 65 -20.35 30.97 -9.66
C THR A 65 -19.98 29.74 -8.84
N VAL A 66 -20.65 28.63 -9.16
CA VAL A 66 -20.34 27.33 -8.59
C VAL A 66 -19.76 26.47 -9.70
N LEU A 67 -18.55 25.96 -9.49
CA LEU A 67 -17.81 25.24 -10.52
C LEU A 67 -18.35 23.81 -10.61
N GLU A 68 -19.44 23.65 -11.34
CA GLU A 68 -20.09 22.35 -11.49
C GLU A 68 -19.96 21.87 -12.94
N CYS A 69 -19.78 20.57 -13.08
CA CYS A 69 -19.68 19.97 -14.42
C CYS A 69 -21.01 20.11 -15.15
N TYR A 70 -20.92 20.44 -16.44
CA TYR A 70 -22.15 20.61 -17.22
C TYR A 70 -22.83 19.27 -17.49
N ASN A 71 -22.11 18.17 -17.38
CA ASN A 71 -22.67 16.84 -17.59
C ASN A 71 -23.24 16.26 -16.30
N CYS A 72 -22.41 16.16 -15.26
CA CYS A 72 -22.80 15.53 -14.01
C CYS A 72 -22.92 16.49 -12.84
N GLY A 73 -22.24 17.64 -12.89
CA GLY A 73 -22.32 18.58 -11.79
C GLY A 73 -21.47 18.22 -10.59
N CYS A 74 -20.37 17.51 -10.79
CA CYS A 74 -19.51 17.11 -9.69
C CYS A 74 -18.93 18.33 -8.99
N ARG A 75 -18.98 18.32 -7.67
CA ARG A 75 -18.43 19.41 -6.86
C ARG A 75 -16.92 19.39 -6.77
N ASN A 76 -16.28 18.22 -6.90
CA ASN A 76 -14.84 18.10 -6.74
C ASN A 76 -14.13 18.88 -7.83
N VAL A 77 -13.49 19.99 -7.44
CA VAL A 77 -12.82 20.86 -8.40
C VAL A 77 -11.64 20.17 -9.06
N PHE A 78 -11.05 19.15 -8.42
CA PHE A 78 -9.87 18.50 -8.96
C PHE A 78 -10.16 17.72 -10.25
N LEU A 79 -11.43 17.53 -10.60
CA LEU A 79 -11.79 16.83 -11.82
C LEU A 79 -12.30 17.74 -12.92
N LEU A 80 -12.75 18.94 -12.58
CA LEU A 80 -13.28 19.84 -13.59
C LEU A 80 -12.16 20.44 -14.44
N GLY A 81 -12.50 20.78 -15.68
CA GLY A 81 -11.56 21.42 -16.58
C GLY A 81 -12.29 22.27 -17.60
N PHE A 82 -11.56 23.23 -18.13
CA PHE A 82 -12.13 24.24 -19.03
C PHE A 82 -11.78 23.94 -20.48
N ILE A 83 -12.72 24.27 -21.37
CA ILE A 83 -12.51 24.19 -22.81
C ILE A 83 -12.92 25.52 -23.40
N PRO A 84 -12.04 26.22 -24.13
CA PRO A 84 -12.45 27.44 -24.82
C PRO A 84 -13.27 27.13 -26.05
N ALA A 85 -14.35 27.87 -26.23
CA ALA A 85 -15.25 27.65 -27.37
C ALA A 85 -14.56 28.00 -28.67
N LYS A 86 -14.83 27.22 -29.71
CA LYS A 86 -14.26 27.49 -31.02
C LYS A 86 -14.86 28.73 -31.67
N ALA A 87 -16.04 29.15 -31.24
CA ALA A 87 -16.71 30.32 -31.81
C ALA A 87 -16.53 31.58 -30.97
N ASP A 88 -16.65 31.46 -29.65
CA ASP A 88 -16.52 32.63 -28.78
C ASP A 88 -15.62 32.33 -27.59
N SER A 89 -15.57 33.25 -26.64
CA SER A 89 -14.73 33.10 -25.46
C SER A 89 -15.43 32.38 -24.31
N VAL A 90 -16.68 31.96 -24.50
CA VAL A 90 -17.40 31.25 -23.45
C VAL A 90 -16.72 29.92 -23.19
N VAL A 91 -16.39 29.66 -21.94
CA VAL A 91 -15.67 28.46 -21.55
C VAL A 91 -16.67 27.39 -21.13
N VAL A 92 -16.32 26.13 -21.39
CA VAL A 92 -17.14 24.99 -21.03
C VAL A 92 -16.42 24.23 -19.92
N LEU A 93 -17.08 24.09 -18.78
CA LEU A 93 -16.51 23.40 -17.62
C LEU A 93 -17.08 21.99 -17.57
N LEU A 94 -16.20 21.00 -17.78
CA LEU A 94 -16.63 19.61 -17.83
C LEU A 94 -15.68 18.75 -17.03
N CYS A 95 -16.19 17.63 -16.53
CA CYS A 95 -15.34 16.68 -15.83
C CYS A 95 -14.44 15.95 -16.81
N ARG A 96 -13.28 15.51 -16.31
CA ARG A 96 -12.33 14.81 -17.17
C ARG A 96 -12.90 13.49 -17.69
N GLN A 97 -13.54 12.72 -16.81
CA GLN A 97 -14.09 11.42 -17.17
C GLN A 97 -15.08 11.02 -16.09
N PRO A 98 -16.18 10.32 -16.43
CA PRO A 98 -16.59 9.85 -17.76
C PRO A 98 -17.38 10.89 -18.53
N CYS A 99 -17.42 12.13 -18.03
CA CYS A 99 -18.20 13.18 -18.66
C CYS A 99 -17.65 13.59 -20.02
N ALA A 100 -16.39 13.23 -20.32
CA ALA A 100 -15.83 13.55 -21.63
C ALA A 100 -16.58 12.83 -22.74
N SER A 101 -16.95 11.57 -22.51
CA SER A 101 -17.67 10.79 -23.51
C SER A 101 -19.18 10.74 -23.29
N GLN A 102 -19.64 11.03 -22.06
CA GLN A 102 -21.06 10.95 -21.73
C GLN A 102 -21.72 12.32 -21.71
N SER A 103 -21.07 13.33 -22.27
CA SER A 103 -21.62 14.68 -22.24
C SER A 103 -22.92 14.75 -23.05
N SER A 104 -23.97 15.26 -22.42
CA SER A 104 -25.24 15.44 -23.12
C SER A 104 -25.23 16.61 -24.09
N LEU A 105 -24.33 17.57 -23.89
CA LEU A 105 -24.27 18.72 -24.78
C LEU A 105 -23.83 18.32 -26.18
N LYS A 106 -22.73 17.57 -26.27
CA LYS A 106 -22.17 17.14 -27.56
C LYS A 106 -21.95 18.33 -28.48
N ASP A 107 -21.41 19.41 -27.92
CA ASP A 107 -21.23 20.64 -28.68
C ASP A 107 -20.17 20.47 -29.74
N ILE A 108 -20.41 21.06 -30.92
CA ILE A 108 -19.45 20.98 -32.00
C ILE A 108 -18.16 21.72 -31.62
N ASN A 109 -18.30 22.91 -31.04
CA ASN A 109 -17.13 23.67 -30.61
C ASN A 109 -16.39 23.01 -29.45
N TRP A 110 -17.01 22.04 -28.78
CA TRP A 110 -16.39 21.36 -27.65
C TRP A 110 -15.55 20.19 -28.14
N ASP A 111 -14.34 20.07 -27.59
CA ASP A 111 -13.48 18.93 -27.85
C ASP A 111 -12.79 18.53 -26.55
N SER A 112 -12.65 17.23 -26.34
CA SER A 112 -12.06 16.71 -25.10
C SER A 112 -10.55 16.58 -25.16
N SER A 113 -9.94 16.74 -26.34
CA SER A 113 -8.49 16.62 -26.43
C SER A 113 -7.80 17.84 -25.84
N GLN A 114 -8.38 19.02 -26.03
CA GLN A 114 -7.82 20.27 -25.53
C GLN A 114 -8.00 20.42 -24.03
N TRP A 115 -8.78 19.53 -23.40
CA TRP A 115 -9.11 19.65 -21.98
C TRP A 115 -7.87 19.75 -21.11
N GLN A 116 -7.88 20.71 -20.19
CA GLN A 116 -6.82 20.90 -19.21
C GLN A 116 -7.44 21.03 -17.83
N PRO A 117 -6.72 20.62 -16.79
CA PRO A 117 -7.24 20.79 -15.43
C PRO A 117 -7.32 22.27 -15.05
N LEU A 118 -8.30 22.58 -14.20
CA LEU A 118 -8.44 23.95 -13.71
C LEU A 118 -7.31 24.32 -12.76
N ILE A 119 -6.79 23.38 -12.00
CA ILE A 119 -5.70 23.63 -11.06
C ILE A 119 -4.39 23.34 -11.77
N GLN A 120 -3.52 24.35 -11.82
CA GLN A 120 -2.21 24.24 -12.45
C GLN A 120 -1.15 24.79 -11.52
N ASP A 121 -0.06 24.05 -11.36
CA ASP A 121 1.06 24.46 -10.50
C ASP A 121 0.59 24.75 -9.08
N ARG A 122 -0.31 23.90 -8.58
CA ARG A 122 -0.82 24.00 -7.21
C ARG A 122 -1.49 25.35 -6.96
N CYS A 123 -2.13 25.91 -7.99
CA CYS A 123 -2.85 27.17 -7.84
C CYS A 123 -3.91 27.26 -8.93
N PHE A 124 -4.90 28.11 -8.69
CA PHE A 124 -5.95 28.31 -9.68
C PHE A 124 -5.42 29.14 -10.85
N LEU A 125 -6.01 28.91 -12.02
CA LEU A 125 -5.60 29.65 -13.21
C LEU A 125 -5.98 31.13 -13.08
N SER A 126 -5.15 31.97 -13.68
CA SER A 126 -5.30 33.42 -13.49
C SER A 126 -6.63 33.93 -14.04
N TRP A 127 -7.06 33.42 -15.20
CA TRP A 127 -8.28 33.92 -15.82
C TRP A 127 -9.49 33.63 -14.94
N LEU A 128 -9.48 32.50 -14.21
CA LEU A 128 -10.55 32.22 -13.27
C LEU A 128 -10.39 33.04 -12.00
N VAL A 129 -9.30 32.85 -11.28
CA VAL A 129 -8.96 33.62 -10.09
C VAL A 129 -7.62 34.28 -10.33
N LYS A 130 -7.59 35.61 -10.28
CA LYS A 130 -6.35 36.34 -10.55
C LYS A 130 -5.35 36.10 -9.44
N ILE A 131 -4.12 35.76 -9.83
CA ILE A 131 -3.04 35.60 -8.86
C ILE A 131 -2.75 36.94 -8.21
N PRO A 132 -2.75 37.05 -6.89
CA PRO A 132 -2.39 38.32 -6.25
C PRO A 132 -0.99 38.76 -6.65
N SER A 133 -0.83 40.07 -6.79
CA SER A 133 0.46 40.62 -7.19
C SER A 133 1.52 40.29 -6.15
N GLU A 134 2.74 40.07 -6.64
CA GLU A 134 3.82 39.64 -5.77
C GLU A 134 4.11 40.67 -4.69
N GLN A 135 4.13 41.96 -5.05
CA GLN A 135 4.44 43.00 -4.08
C GLN A 135 3.41 43.04 -2.96
N GLU A 136 2.12 42.97 -3.32
CA GLU A 136 1.08 42.94 -2.31
C GLU A 136 1.14 41.66 -1.49
N GLN A 137 1.41 40.53 -2.15
CA GLN A 137 1.41 39.25 -1.46
C GLN A 137 2.62 39.07 -0.55
N LEU A 138 3.66 39.90 -0.72
CA LEU A 138 4.78 39.90 0.21
C LEU A 138 4.68 40.99 1.27
N ARG A 139 4.17 42.17 0.91
CA ARG A 139 4.04 43.26 1.86
C ARG A 139 3.03 42.94 2.96
N ALA A 140 2.10 42.02 2.70
CA ALA A 140 1.09 41.66 3.69
C ALA A 140 1.70 40.69 4.70
N ARG A 141 0.84 40.09 5.52
CA ARG A 141 1.30 39.11 6.50
C ARG A 141 1.79 37.85 5.81
N GLN A 142 2.96 37.38 6.21
CA GLN A 142 3.59 36.21 5.60
C GLN A 142 3.55 35.04 6.59
N ILE A 143 3.14 33.88 6.10
CA ILE A 143 2.99 32.68 6.92
C ILE A 143 3.77 31.55 6.27
N THR A 144 4.53 30.81 7.08
CA THR A 144 5.34 29.71 6.57
C THR A 144 4.59 28.39 6.66
N ALA A 145 5.15 27.37 6.01
CA ALA A 145 4.45 26.12 5.80
C ALA A 145 4.15 25.39 7.12
N GLN A 146 5.12 25.34 8.02
CA GLN A 146 4.94 24.58 9.25
C GLN A 146 3.82 25.15 10.11
N GLN A 147 3.83 26.47 10.31
CA GLN A 147 2.75 27.08 11.07
C GLN A 147 1.44 27.02 10.31
N ILE A 148 1.48 26.98 8.98
CA ILE A 148 0.26 26.75 8.20
C ILE A 148 -0.33 25.40 8.55
N ASN A 149 0.50 24.37 8.58
CA ASN A 149 0.02 23.04 8.93
C ASN A 149 -0.51 23.00 10.36
N LYS A 150 0.20 23.66 11.28
CA LYS A 150 -0.25 23.69 12.67
C LYS A 150 -1.59 24.39 12.81
N LEU A 151 -1.77 25.51 12.12
CA LEU A 151 -3.04 26.23 12.16
C LEU A 151 -4.15 25.41 11.52
N GLU A 152 -3.84 24.69 10.44
CA GLU A 152 -4.85 23.83 9.82
C GLU A 152 -5.26 22.71 10.78
N GLU A 153 -4.30 22.13 11.50
CA GLU A 153 -4.63 21.12 12.50
C GLU A 153 -5.50 21.70 13.59
N LEU A 154 -5.17 22.91 14.06
CA LEU A 154 -5.99 23.56 15.09
C LEU A 154 -7.40 23.82 14.59
N TRP A 155 -7.52 24.25 13.33
CA TRP A 155 -8.84 24.46 12.74
C TRP A 155 -9.62 23.15 12.66
N LYS A 156 -8.94 22.06 12.29
CA LYS A 156 -9.59 20.76 12.19
C LYS A 156 -10.11 20.31 13.55
N GLU A 157 -9.28 20.43 14.59
CA GLU A 157 -9.71 20.00 15.90
C GLU A 157 -10.66 20.99 16.57
N ASN A 158 -10.73 22.22 16.09
CA ASN A 158 -11.70 23.20 16.57
C ASN A 158 -11.85 24.33 15.56
N PRO A 159 -13.06 24.67 15.15
CA PRO A 159 -13.27 25.70 14.12
C PRO A 159 -13.23 27.12 14.66
N SER A 160 -12.25 27.40 15.52
CA SER A 160 -12.00 28.75 16.00
C SER A 160 -10.52 28.82 16.41
N ALA A 161 -9.68 29.33 15.51
CA ALA A 161 -8.25 29.38 15.76
C ALA A 161 -7.63 30.47 14.92
N THR A 162 -6.85 31.34 15.55
CA THR A 162 -6.17 32.44 14.88
C THR A 162 -4.67 32.27 15.02
N LEU A 163 -3.92 33.28 14.55
CA LEU A 163 -2.47 33.23 14.63
C LEU A 163 -1.98 33.17 16.06
N GLU A 164 -2.57 33.99 16.93
CA GLU A 164 -2.15 34.01 18.34
C GLU A 164 -2.45 32.71 19.05
N ASP A 165 -3.39 31.91 18.54
CA ASP A 165 -3.68 30.60 19.11
C ASP A 165 -2.58 29.59 18.84
N LEU A 166 -1.59 29.92 18.02
CA LEU A 166 -0.52 29.00 17.68
C LEU A 166 0.69 29.14 18.58
N GLU A 167 0.93 30.32 19.14
CA GLU A 167 2.11 30.57 19.95
C GLU A 167 1.79 30.76 21.43
N LYS A 168 0.79 31.58 21.75
CA LYS A 168 0.46 31.81 23.16
C LYS A 168 0.08 30.54 23.90
N PRO A 169 -0.78 29.66 23.38
CA PRO A 169 -1.03 28.40 24.10
C PRO A 169 0.19 27.51 24.18
N GLY A 170 0.82 27.23 23.05
CA GLY A 170 1.94 26.31 23.01
C GLY A 170 1.57 24.95 23.56
N VAL A 171 0.69 24.25 22.84
CA VAL A 171 0.11 23.01 23.36
C VAL A 171 1.19 21.97 23.59
N ASP A 172 2.05 21.76 22.58
CA ASP A 172 3.08 20.72 22.61
C ASP A 172 2.46 19.33 22.74
N GLU A 173 2.71 18.66 23.86
CA GLU A 173 2.30 17.27 24.07
C GLU A 173 2.76 16.38 22.92
N GLU A 174 3.97 16.60 22.43
CA GLU A 174 4.48 15.77 21.35
C GLU A 174 4.83 14.38 21.88
N PRO A 175 4.56 13.33 21.12
CA PRO A 175 4.92 11.99 21.57
C PRO A 175 6.43 11.84 21.71
N GLN A 176 6.84 11.03 22.68
CA GLN A 176 8.26 10.80 22.89
C GLN A 176 8.88 10.14 21.67
N HIS A 177 10.02 10.65 21.24
CA HIS A 177 10.67 10.12 20.05
C HIS A 177 11.22 8.72 20.29
N VAL A 178 11.28 7.92 19.23
CA VAL A 178 11.77 6.56 19.34
C VAL A 178 13.28 6.59 19.54
N LEU A 179 13.75 5.89 20.57
CA LEU A 179 15.17 5.83 20.85
C LEU A 179 15.80 4.61 20.20
N LEU A 180 17.13 4.62 20.13
CA LEU A 180 17.87 3.51 19.57
C LEU A 180 18.31 2.51 20.64
N ARG A 181 18.76 3.01 21.79
CA ARG A 181 19.19 2.18 22.90
C ARG A 181 18.30 2.43 24.10
N TYR A 182 17.86 1.35 24.73
CA TYR A 182 16.95 1.40 25.87
C TYR A 182 17.63 0.82 27.10
N GLU A 183 16.91 0.84 28.23
CA GLU A 183 17.43 0.29 29.47
C GLU A 183 16.44 -0.63 30.19
N ASP A 184 15.15 -0.53 29.92
CA ASP A 184 14.16 -1.36 30.60
C ASP A 184 13.00 -1.64 29.66
N ALA A 185 12.42 -2.84 29.81
CA ALA A 185 11.25 -3.18 29.02
C ALA A 185 10.07 -2.27 29.33
N TYR A 186 9.94 -1.85 30.59
CA TYR A 186 8.88 -0.91 30.94
C TYR A 186 9.07 0.41 30.22
N GLN A 187 10.32 0.85 30.06
CA GLN A 187 10.59 2.03 29.25
C GLN A 187 10.12 1.83 27.81
N TYR A 188 10.41 0.66 27.25
CA TYR A 188 9.96 0.35 25.89
C TYR A 188 8.45 0.45 25.77
N GLN A 189 7.74 -0.15 26.73
CA GLN A 189 6.28 -0.12 26.69
C GLN A 189 5.75 1.30 26.85
N ASN A 190 6.30 2.05 27.80
CA ASN A 190 5.83 3.41 28.03
C ASN A 190 6.10 4.30 26.84
N ILE A 191 7.16 4.02 26.08
CA ILE A 191 7.44 4.83 24.91
C ILE A 191 6.55 4.45 23.74
N PHE A 192 6.37 3.15 23.50
CA PHE A 192 5.66 2.71 22.30
C PHE A 192 4.16 2.59 22.47
N GLY A 193 3.63 2.70 23.69
CA GLY A 193 2.21 2.66 23.89
C GLY A 193 1.46 3.82 23.27
N PRO A 194 1.90 5.05 23.57
CA PRO A 194 1.23 6.22 22.96
C PRO A 194 1.27 6.20 21.44
N LEU A 195 2.36 5.73 20.85
CA LEU A 195 2.43 5.68 19.38
C LEU A 195 1.39 4.73 18.81
N VAL A 196 1.26 3.54 19.40
CA VAL A 196 0.28 2.57 18.93
C VAL A 196 -1.12 3.11 19.15
N LYS A 197 -1.37 3.75 20.29
CA LYS A 197 -2.68 4.34 20.55
C LYS A 197 -3.01 5.42 19.53
N LEU A 198 -2.04 6.26 19.20
CA LEU A 198 -2.26 7.31 18.21
C LEU A 198 -2.55 6.71 16.83
N GLU A 199 -1.81 5.68 16.46
CA GLU A 199 -2.05 5.02 15.18
C GLU A 199 -3.45 4.42 15.12
N ALA A 200 -3.86 3.75 16.20
CA ALA A 200 -5.19 3.15 16.25
C ALA A 200 -6.27 4.22 16.18
N ASP A 201 -6.09 5.32 16.91
CA ASP A 201 -7.09 6.39 16.89
C ASP A 201 -7.19 7.00 15.51
N TYR A 202 -6.06 7.25 14.85
CA TYR A 202 -6.10 7.82 13.51
C TYR A 202 -6.78 6.87 12.54
N ASP A 203 -6.47 5.58 12.62
CA ASP A 203 -7.11 4.61 11.73
C ASP A 203 -8.61 4.56 11.97
N LYS A 204 -9.02 4.57 13.23
CA LYS A 204 -10.45 4.57 13.55
C LYS A 204 -11.13 5.81 12.98
N LYS A 205 -10.51 6.98 13.16
CA LYS A 205 -11.11 8.22 12.66
C LYS A 205 -11.22 8.20 11.14
N LEU A 206 -10.18 7.74 10.45
CA LEU A 206 -10.19 7.80 8.99
C LEU A 206 -10.99 6.67 8.35
N LYS A 207 -11.29 5.61 9.10
CA LYS A 207 -12.02 4.48 8.53
C LYS A 207 -13.47 4.40 8.96
N GLU A 208 -13.82 4.95 10.12
CA GLU A 208 -15.21 4.87 10.58
C GLU A 208 -16.15 5.67 9.70
N SER A 209 -15.66 6.76 9.10
CA SER A 209 -16.47 7.59 8.21
C SER A 209 -16.48 6.99 6.82
N GLN A 210 -17.20 5.87 6.69
CA GLN A 210 -17.31 5.19 5.41
C GLN A 210 -18.61 4.39 5.44
N THR A 211 -19.58 4.80 4.62
CA THR A 211 -20.87 4.12 4.57
C THR A 211 -21.51 4.38 3.23
N GLN A 212 -22.44 3.49 2.86
CA GLN A 212 -23.20 3.63 1.62
C GLN A 212 -24.65 3.29 1.90
N ASP A 213 -25.55 3.86 1.09
CA ASP A 213 -26.98 3.65 1.27
C ASP A 213 -27.62 3.43 -0.10
N ASN A 214 -28.72 2.68 -0.09
CA ASN A 214 -29.54 2.43 -1.27
C ASN A 214 -28.73 1.76 -2.38
N ILE A 215 -28.25 0.56 -2.07
CA ILE A 215 -27.49 -0.24 -3.01
C ILE A 215 -28.29 -1.51 -3.33
N THR A 216 -28.01 -2.08 -4.50
CA THR A 216 -28.61 -3.33 -4.90
C THR A 216 -27.75 -4.50 -4.41
N VAL A 217 -28.27 -5.71 -4.59
CA VAL A 217 -27.53 -6.91 -4.23
C VAL A 217 -28.06 -8.10 -5.00
N ARG A 218 -27.15 -8.89 -5.59
CA ARG A 218 -27.55 -10.10 -6.29
C ARG A 218 -28.17 -11.10 -5.33
N TRP A 219 -27.60 -11.23 -4.13
CA TRP A 219 -28.13 -12.08 -3.07
C TRP A 219 -28.23 -13.55 -3.51
N ASP A 220 -27.07 -14.12 -3.80
CA ASP A 220 -26.98 -15.54 -4.07
C ASP A 220 -26.78 -16.31 -2.78
N LEU A 221 -27.12 -17.60 -2.81
CA LEU A 221 -27.07 -18.45 -1.64
C LEU A 221 -25.91 -19.44 -1.73
N GLY A 222 -25.74 -20.18 -0.66
CA GLY A 222 -24.69 -21.19 -0.60
C GLY A 222 -25.16 -22.41 0.16
N LEU A 223 -24.62 -23.56 -0.22
CA LEU A 223 -25.05 -24.82 0.39
C LEU A 223 -24.62 -24.91 1.85
N ASN A 224 -23.36 -24.60 2.13
CA ASN A 224 -22.83 -24.68 3.49
C ASN A 224 -22.96 -23.34 4.22
N LYS A 225 -24.18 -22.80 4.24
CA LYS A 225 -24.49 -21.54 4.92
C LYS A 225 -23.61 -20.41 4.40
N LYS A 226 -23.69 -20.18 3.09
CA LYS A 226 -22.92 -19.15 2.42
C LYS A 226 -23.88 -18.08 1.90
N ARG A 227 -24.23 -17.15 2.78
CA ARG A 227 -25.02 -15.98 2.39
C ARG A 227 -24.06 -15.01 1.70
N ILE A 228 -23.93 -15.16 0.39
CA ILE A 228 -22.97 -14.40 -0.40
C ILE A 228 -23.73 -13.29 -1.12
N ALA A 229 -23.27 -12.06 -0.92
CA ALA A 229 -23.94 -10.87 -1.45
C ALA A 229 -22.99 -10.11 -2.37
N TYR A 230 -23.45 -9.79 -3.57
CA TYR A 230 -22.68 -9.04 -4.55
C TYR A 230 -23.30 -7.66 -4.73
N PHE A 231 -22.47 -6.63 -4.64
CA PHE A 231 -22.92 -5.27 -4.86
C PHE A 231 -21.73 -4.42 -5.28
N THR A 232 -22.02 -3.33 -5.99
CA THR A 232 -20.99 -2.45 -6.53
C THR A 232 -21.11 -1.07 -5.91
N LEU A 233 -19.97 -0.54 -5.47
CA LEU A 233 -19.94 0.81 -4.92
C LEU A 233 -20.35 1.80 -6.02
N PRO A 234 -21.25 2.75 -5.71
CA PRO A 234 -21.65 3.73 -6.73
C PRO A 234 -20.55 4.68 -7.17
N LYS A 235 -19.33 4.46 -6.66
CA LYS A 235 -18.09 5.15 -7.05
C LYS A 235 -18.14 6.64 -6.77
N THR A 236 -19.22 7.12 -6.14
CA THR A 236 -19.27 8.52 -5.73
C THR A 236 -18.32 8.80 -4.57
N ASP A 237 -18.25 7.87 -3.61
CA ASP A 237 -17.33 8.03 -2.49
C ASP A 237 -15.90 7.73 -2.90
N SER A 238 -15.72 6.86 -3.91
CA SER A 238 -14.40 6.48 -4.42
C SER A 238 -13.47 6.03 -3.30
N ASP A 239 -13.99 5.20 -2.39
CA ASP A 239 -13.23 4.68 -1.27
C ASP A 239 -12.77 3.26 -1.60
N MET A 240 -11.46 3.05 -1.61
CA MET A 240 -10.87 1.74 -1.86
C MET A 240 -10.69 0.93 -0.60
N ARG A 241 -11.17 1.43 0.55
CA ARG A 241 -10.94 0.76 1.82
C ARG A 241 -11.60 -0.61 1.89
N LEU A 242 -12.51 -0.92 0.96
CA LEU A 242 -13.04 -2.27 0.88
C LEU A 242 -11.90 -3.26 0.67
N MET A 243 -11.71 -4.15 1.64
CA MET A 243 -10.54 -5.00 1.71
C MET A 243 -10.94 -6.38 2.21
N GLN A 244 -10.12 -7.37 1.88
CA GLN A 244 -10.34 -8.71 2.42
C GLN A 244 -10.12 -8.70 3.92
N GLY A 245 -11.05 -9.33 4.64
CA GLY A 245 -10.92 -9.55 6.07
C GLY A 245 -11.62 -8.53 6.95
N ASP A 246 -12.08 -7.41 6.39
CA ASP A 246 -12.75 -6.42 7.20
C ASP A 246 -14.19 -6.83 7.47
N GLU A 247 -14.83 -6.12 8.39
CA GLU A 247 -16.19 -6.42 8.83
C GLU A 247 -17.15 -5.42 8.22
N ILE A 248 -18.26 -5.92 7.69
CA ILE A 248 -19.29 -5.11 7.04
C ILE A 248 -20.62 -5.37 7.73
N CYS A 249 -21.27 -4.32 8.20
CA CYS A 249 -22.59 -4.44 8.80
C CYS A 249 -23.63 -4.03 7.76
N LEU A 250 -24.57 -4.93 7.48
CA LEU A 250 -25.59 -4.73 6.48
C LEU A 250 -26.92 -4.43 7.18
N ARG A 251 -27.49 -3.27 6.88
CA ARG A 251 -28.76 -2.84 7.45
C ARG A 251 -29.79 -2.71 6.35
N TYR A 252 -30.95 -3.33 6.54
CA TYR A 252 -32.08 -3.20 5.62
C TYR A 252 -33.14 -2.37 6.32
N LYS A 253 -33.16 -1.07 6.02
CA LYS A 253 -34.13 -0.15 6.59
C LYS A 253 -35.39 -0.01 5.74
N GLY A 254 -35.47 -0.72 4.63
CA GLY A 254 -36.64 -0.63 3.77
C GLY A 254 -37.85 -1.31 4.37
N ASP A 255 -39.01 -1.02 3.78
CA ASP A 255 -40.28 -1.56 4.24
C ASP A 255 -40.68 -2.84 3.53
N LEU A 256 -39.90 -3.29 2.54
CA LEU A 256 -40.22 -4.54 1.85
C LEU A 256 -40.12 -5.73 2.78
N ALA A 257 -39.12 -5.74 3.65
CA ALA A 257 -38.88 -6.80 4.62
C ALA A 257 -38.66 -6.17 5.98
N PRO A 258 -38.88 -6.93 7.07
CA PRO A 258 -38.61 -6.39 8.40
C PRO A 258 -37.15 -5.99 8.54
N LEU A 259 -36.91 -4.95 9.34
CA LEU A 259 -35.57 -4.39 9.47
C LEU A 259 -34.59 -5.45 9.95
N TRP A 260 -33.44 -5.51 9.27
CA TRP A 260 -32.42 -6.51 9.54
C TRP A 260 -31.07 -5.84 9.70
N LYS A 261 -30.27 -6.35 10.63
CA LYS A 261 -28.93 -5.81 10.90
C LYS A 261 -27.99 -7.00 11.07
N GLY A 262 -27.28 -7.34 9.99
CA GLY A 262 -26.38 -8.47 9.98
C GLY A 262 -24.92 -8.06 9.89
N ILE A 263 -24.06 -9.03 10.17
CA ILE A 263 -22.61 -8.83 10.19
C ILE A 263 -21.97 -9.85 9.25
N GLY A 264 -21.02 -9.38 8.44
CA GLY A 264 -20.31 -10.26 7.54
C GLY A 264 -18.91 -9.80 7.24
N HIS A 265 -18.20 -10.50 6.36
CA HIS A 265 -16.84 -10.16 6.00
C HIS A 265 -16.68 -10.18 4.48
N VAL A 266 -15.77 -9.35 3.98
CA VAL A 266 -15.55 -9.24 2.54
C VAL A 266 -14.86 -10.51 2.04
N ILE A 267 -15.37 -11.05 0.94
CA ILE A 267 -14.77 -12.22 0.32
C ILE A 267 -14.22 -11.94 -1.06
N LYS A 268 -14.60 -10.84 -1.71
CA LYS A 268 -14.14 -10.54 -3.06
C LYS A 268 -14.08 -9.04 -3.26
N VAL A 269 -12.87 -8.53 -3.50
CA VAL A 269 -12.57 -7.12 -3.73
C VAL A 269 -12.60 -6.86 -5.24
N PRO A 270 -12.43 -5.61 -5.71
CA PRO A 270 -12.36 -5.39 -7.16
C PRO A 270 -11.21 -6.14 -7.80
N ASP A 271 -11.41 -6.54 -9.04
CA ASP A 271 -10.41 -7.28 -9.81
C ASP A 271 -10.41 -6.74 -11.24
N ASN A 272 -9.73 -7.46 -12.12
CA ASN A 272 -9.61 -7.06 -13.53
C ASN A 272 -10.97 -7.20 -14.21
N TYR A 273 -11.61 -6.06 -14.48
CA TYR A 273 -12.88 -5.99 -15.18
C TYR A 273 -14.00 -6.70 -14.43
N GLY A 274 -13.74 -7.11 -13.19
CA GLY A 274 -14.73 -7.85 -12.43
C GLY A 274 -15.61 -6.98 -11.54
N ASP A 275 -14.98 -6.18 -10.67
CA ASP A 275 -15.70 -5.37 -9.70
C ASP A 275 -16.70 -6.21 -8.92
N GLU A 276 -17.88 -5.64 -8.63
CA GLU A 276 -18.98 -6.35 -7.99
C GLU A 276 -18.51 -7.02 -6.69
N ILE A 277 -18.20 -6.14 -5.73
CA ILE A 277 -17.66 -6.59 -4.45
C ILE A 277 -18.60 -7.60 -3.81
N ALA A 278 -18.02 -8.68 -3.29
CA ALA A 278 -18.80 -9.78 -2.73
C ALA A 278 -18.42 -9.99 -1.27
N ILE A 279 -19.44 -10.19 -0.43
CA ILE A 279 -19.27 -10.37 1.00
C ILE A 279 -19.99 -11.64 1.43
N GLU A 280 -19.54 -12.21 2.53
CA GLU A 280 -20.14 -13.41 3.10
C GLU A 280 -20.68 -13.09 4.49
N LEU A 281 -21.95 -13.42 4.71
CA LEU A 281 -22.63 -13.11 5.95
C LEU A 281 -22.55 -14.29 6.91
N ARG A 282 -22.06 -14.04 8.11
CA ARG A 282 -21.98 -15.07 9.15
C ARG A 282 -23.26 -15.16 9.97
N SER A 283 -24.30 -14.41 9.62
CA SER A 283 -25.55 -14.42 10.37
C SER A 283 -26.36 -15.65 10.01
N SER A 284 -27.60 -15.71 10.49
CA SER A 284 -28.46 -16.85 10.29
C SER A 284 -29.23 -16.71 8.97
N VAL A 285 -30.23 -17.57 8.77
CA VAL A 285 -31.03 -17.54 7.55
C VAL A 285 -32.05 -16.42 7.53
N GLY A 286 -32.16 -15.64 8.61
CA GLY A 286 -33.14 -14.57 8.67
C GLY A 286 -32.81 -13.35 7.84
N ALA A 287 -31.72 -13.38 7.09
CA ALA A 287 -31.36 -12.26 6.23
C ALA A 287 -32.39 -12.10 5.11
N PRO A 288 -32.65 -10.86 4.68
CA PRO A 288 -33.62 -10.62 3.59
C PRO A 288 -33.05 -10.97 2.20
N VAL A 289 -33.10 -12.26 1.88
CA VAL A 289 -32.58 -12.73 0.59
C VAL A 289 -33.45 -12.24 -0.55
N GLU A 290 -34.78 -12.22 -0.34
CA GLU A 290 -35.69 -11.91 -1.44
C GLU A 290 -35.57 -10.46 -1.90
N THR A 291 -35.16 -9.55 -1.01
CA THR A 291 -35.03 -8.14 -1.35
C THR A 291 -33.67 -7.86 -1.95
N VAL A 292 -33.63 -6.91 -2.88
CA VAL A 292 -32.42 -6.57 -3.63
C VAL A 292 -32.05 -5.10 -3.47
N HIS A 293 -33.03 -4.21 -3.57
CA HIS A 293 -32.78 -2.78 -3.55
C HIS A 293 -32.96 -2.21 -2.15
N ASN A 294 -32.65 -0.92 -2.01
CA ASN A 294 -32.80 -0.20 -0.74
C ASN A 294 -32.01 -0.87 0.38
N PHE A 295 -30.78 -1.28 0.07
CA PHE A 295 -29.92 -1.95 1.03
C PHE A 295 -28.83 -0.98 1.50
N GLN A 296 -28.63 -0.91 2.81
CA GLN A 296 -27.64 -0.04 3.42
C GLN A 296 -26.47 -0.88 3.92
N VAL A 297 -25.26 -0.37 3.75
CA VAL A 297 -24.05 -1.03 4.21
C VAL A 297 -23.23 -0.04 5.01
N ASP A 298 -22.41 -0.55 5.93
CA ASP A 298 -21.54 0.31 6.71
C ASP A 298 -20.30 -0.46 7.15
N PHE A 299 -19.17 0.20 7.13
CA PHE A 299 -17.90 -0.38 7.57
C PHE A 299 -17.59 0.11 8.97
N VAL A 300 -17.39 -0.83 9.90
CA VAL A 300 -17.08 -0.51 11.30
C VAL A 300 -15.66 -0.93 11.59
N TRP A 301 -14.86 0.00 12.11
CA TRP A 301 -13.47 -0.29 12.41
C TRP A 301 -13.36 -1.21 13.61
N LYS A 302 -12.30 -2.02 13.61
CA LYS A 302 -12.04 -2.98 14.67
C LYS A 302 -10.65 -2.74 15.25
N SER A 303 -10.49 -3.07 16.53
CA SER A 303 -9.27 -2.79 17.27
C SER A 303 -8.51 -4.05 17.66
N THR A 304 -8.73 -5.16 16.96
CA THR A 304 -8.09 -6.41 17.34
C THR A 304 -6.57 -6.33 17.20
N SER A 305 -6.10 -5.84 16.06
CA SER A 305 -4.66 -5.81 15.81
C SER A 305 -3.94 -4.95 16.84
N PHE A 306 -4.41 -3.72 17.04
CA PHE A 306 -3.76 -2.82 17.98
C PHE A 306 -3.83 -3.34 19.40
N ASP A 307 -4.95 -3.97 19.77
CA ASP A 307 -5.05 -4.59 21.08
C ASP A 307 -3.99 -5.68 21.22
N ARG A 308 -3.76 -6.46 20.16
CA ARG A 308 -2.73 -7.48 20.21
C ARG A 308 -1.35 -6.86 20.37
N MET A 309 -1.07 -5.76 19.67
CA MET A 309 0.22 -5.08 19.86
C MET A 309 0.40 -4.62 21.29
N GLN A 310 -0.64 -4.02 21.87
CA GLN A 310 -0.54 -3.53 23.25
C GLN A 310 -0.35 -4.70 24.22
N SER A 311 -1.06 -5.81 23.99
CA SER A 311 -0.92 -6.97 24.84
C SER A 311 0.49 -7.53 24.77
N ALA A 312 1.05 -7.62 23.56
CA ALA A 312 2.41 -8.08 23.41
C ALA A 312 3.40 -7.15 24.11
N LEU A 313 3.17 -5.85 24.00
CA LEU A 313 4.06 -4.89 24.64
C LEU A 313 4.04 -5.05 26.16
N LYS A 314 2.85 -5.16 26.74
CA LYS A 314 2.78 -5.30 28.19
C LYS A 314 3.30 -6.65 28.65
N THR A 315 3.09 -7.71 27.86
CA THR A 315 3.65 -9.01 28.19
C THR A 315 5.17 -8.97 28.20
N PHE A 316 5.76 -8.31 27.20
CA PHE A 316 7.21 -8.14 27.19
C PHE A 316 7.68 -7.31 28.38
N ALA A 317 6.90 -6.29 28.74
CA ALA A 317 7.30 -5.43 29.85
C ALA A 317 7.28 -6.16 31.18
N VAL A 318 6.27 -7.01 31.41
CA VAL A 318 6.06 -7.58 32.73
C VAL A 318 6.56 -9.01 32.89
N ASP A 319 6.79 -9.72 31.80
CA ASP A 319 7.20 -11.13 31.86
C ASP A 319 8.67 -11.25 31.50
N GLU A 320 9.45 -11.82 32.41
CA GLU A 320 10.88 -12.04 32.15
C GLU A 320 11.11 -13.24 31.24
N THR A 321 10.23 -14.23 31.27
CA THR A 321 10.39 -15.43 30.45
C THR A 321 9.73 -15.31 29.09
N SER A 322 9.09 -14.17 28.79
CA SER A 322 8.49 -13.98 27.48
C SER A 322 9.52 -14.03 26.36
N VAL A 323 10.76 -13.64 26.65
CA VAL A 323 11.86 -13.73 25.71
C VAL A 323 13.09 -14.24 26.44
N SER A 324 14.05 -14.75 25.66
CA SER A 324 15.31 -15.18 26.24
C SER A 324 16.08 -13.96 26.76
N GLY A 325 16.93 -14.21 27.76
CA GLY A 325 17.69 -13.11 28.34
C GLY A 325 18.62 -12.44 27.34
N TYR A 326 19.30 -13.25 26.53
CA TYR A 326 20.22 -12.69 25.53
C TYR A 326 19.46 -11.84 24.52
N ILE A 327 18.33 -12.35 24.02
CA ILE A 327 17.53 -11.60 23.07
C ILE A 327 16.98 -10.34 23.73
N TYR A 328 16.56 -10.44 24.99
CA TYR A 328 16.06 -9.28 25.71
C TYR A 328 17.11 -8.20 25.81
N HIS A 329 18.36 -8.58 26.12
CA HIS A 329 19.43 -7.60 26.22
C HIS A 329 19.77 -7.01 24.85
N LYS A 330 19.78 -7.85 23.81
CA LYS A 330 20.08 -7.35 22.47
C LYS A 330 19.05 -6.36 21.98
N LEU A 331 17.76 -6.65 22.22
CA LEU A 331 16.70 -5.78 21.72
C LEU A 331 16.73 -4.41 22.39
N LEU A 332 17.26 -4.34 23.61
CA LEU A 332 17.35 -3.08 24.34
C LEU A 332 18.65 -2.34 24.09
N GLY A 333 19.50 -2.85 23.19
CA GLY A 333 20.73 -2.19 22.87
C GLY A 333 21.85 -2.41 23.87
N HIS A 334 21.62 -3.20 24.90
CA HIS A 334 22.66 -3.46 25.89
C HIS A 334 23.81 -4.24 25.26
N GLU A 335 25.03 -3.81 25.56
CA GLU A 335 26.23 -4.41 24.99
C GLU A 335 26.55 -5.68 25.75
N VAL A 336 26.39 -6.83 25.10
CA VAL A 336 26.68 -8.12 25.71
C VAL A 336 27.54 -8.93 24.74
N GLU A 337 28.25 -9.91 25.30
CA GLU A 337 29.12 -10.75 24.48
C GLU A 337 28.29 -11.63 23.55
N ASP A 338 28.93 -12.05 22.46
CA ASP A 338 28.27 -12.93 21.50
C ASP A 338 28.07 -14.31 22.12
N VAL A 339 26.98 -14.95 21.71
CA VAL A 339 26.63 -16.29 22.17
C VAL A 339 26.51 -17.20 20.95
N ILE A 340 27.05 -18.41 21.06
CA ILE A 340 27.01 -19.39 19.98
C ILE A 340 26.04 -20.49 20.39
N THR A 341 25.01 -20.70 19.58
CA THR A 341 24.06 -21.77 19.84
C THR A 341 24.72 -23.13 19.62
N LYS A 342 24.54 -24.03 20.58
CA LYS A 342 25.12 -25.37 20.50
C LYS A 342 24.12 -26.30 19.81
N CYS A 343 24.08 -26.18 18.48
CA CYS A 343 23.21 -26.99 17.65
C CYS A 343 24.03 -27.89 16.74
N GLN A 344 23.45 -29.02 16.38
CA GLN A 344 24.10 -29.97 15.49
C GLN A 344 23.95 -29.51 14.05
N LEU A 345 25.08 -29.33 13.37
CA LEU A 345 25.04 -28.85 11.99
C LEU A 345 24.78 -30.02 11.04
N PRO A 346 23.74 -29.98 10.23
CA PRO A 346 23.52 -31.06 9.27
C PRO A 346 24.65 -31.15 8.26
N LYS A 347 24.95 -32.37 7.84
CA LYS A 347 26.03 -32.58 6.87
C LYS A 347 25.72 -31.89 5.55
N ARG A 348 24.48 -32.00 5.08
CA ARG A 348 24.05 -31.39 3.82
C ARG A 348 23.10 -30.25 4.14
N PHE A 349 23.43 -29.06 3.62
CA PHE A 349 22.59 -27.89 3.83
C PHE A 349 21.40 -27.84 2.88
N THR A 350 21.35 -28.72 1.89
CA THR A 350 20.23 -28.73 0.95
C THR A 350 18.97 -29.22 1.65
N ALA A 351 17.83 -28.90 1.04
CA ALA A 351 16.53 -29.30 1.54
C ALA A 351 15.90 -30.30 0.59
N GLN A 352 15.32 -31.36 1.15
CA GLN A 352 14.69 -32.39 0.34
C GLN A 352 13.52 -31.79 -0.44
N GLY A 353 13.48 -32.07 -1.75
CA GLY A 353 12.44 -31.54 -2.60
C GLY A 353 12.61 -30.09 -3.00
N LEU A 354 13.72 -29.45 -2.63
CA LEU A 354 13.97 -28.06 -2.93
C LEU A 354 15.26 -27.91 -3.72
N PRO A 355 15.37 -26.89 -4.57
CA PRO A 355 16.60 -26.72 -5.35
C PRO A 355 17.80 -26.47 -4.45
N ASP A 356 18.95 -26.95 -4.91
CA ASP A 356 20.19 -26.79 -4.16
C ASP A 356 20.55 -25.32 -4.04
N LEU A 357 20.93 -24.91 -2.83
CA LEU A 357 21.34 -23.54 -2.60
C LEU A 357 22.72 -23.29 -3.18
N ASN A 358 23.02 -22.02 -3.45
CA ASN A 358 24.33 -21.61 -3.90
C ASN A 358 25.28 -21.49 -2.71
N HIS A 359 26.53 -21.10 -2.99
CA HIS A 359 27.52 -20.99 -1.93
C HIS A 359 27.15 -19.89 -0.95
N SER A 360 26.65 -18.76 -1.46
CA SER A 360 26.26 -17.67 -0.57
C SER A 360 25.12 -18.08 0.35
N GLN A 361 24.11 -18.76 -0.20
CA GLN A 361 22.99 -19.20 0.61
C GLN A 361 23.43 -20.25 1.64
N VAL A 362 24.32 -21.15 1.25
CA VAL A 362 24.83 -22.15 2.17
C VAL A 362 25.58 -21.49 3.32
N TYR A 363 26.42 -20.51 2.99
CA TYR A 363 27.13 -19.78 4.04
C TYR A 363 26.17 -19.04 4.95
N ALA A 364 25.12 -18.44 4.38
CA ALA A 364 24.13 -17.76 5.18
C ALA A 364 23.44 -18.73 6.13
N VAL A 365 23.09 -19.92 5.64
CA VAL A 365 22.43 -20.92 6.49
C VAL A 365 23.35 -21.34 7.63
N LYS A 366 24.62 -21.62 7.30
CA LYS A 366 25.54 -22.10 8.32
C LYS A 366 25.84 -21.02 9.35
N THR A 367 25.84 -19.75 8.94
CA THR A 367 26.04 -18.68 9.91
C THR A 367 24.80 -18.46 10.76
N VAL A 368 23.61 -18.55 10.15
CA VAL A 368 22.37 -18.34 10.88
C VAL A 368 22.17 -19.42 11.94
N LEU A 369 22.44 -20.68 11.59
CA LEU A 369 22.19 -21.78 12.51
C LEU A 369 23.07 -21.71 13.75
N GLN A 370 24.16 -20.95 13.71
CA GLN A 370 25.10 -20.89 14.82
C GLN A 370 24.90 -19.66 15.70
N ARG A 371 23.88 -18.86 15.44
CA ARG A 371 23.66 -17.63 16.20
C ARG A 371 22.23 -17.57 16.69
N PRO A 372 22.00 -17.27 17.97
CA PRO A 372 20.62 -17.11 18.44
C PRO A 372 19.88 -15.97 17.75
N LEU A 373 20.58 -14.91 17.39
CA LEU A 373 19.98 -13.79 16.67
C LEU A 373 20.76 -13.59 15.38
N SER A 374 20.06 -13.66 14.25
CA SER A 374 20.68 -13.50 12.95
C SER A 374 19.84 -12.58 12.09
N LEU A 375 20.51 -11.71 11.33
CA LEU A 375 19.86 -10.77 10.44
C LEU A 375 20.26 -11.10 9.01
N ILE A 376 19.26 -11.27 8.14
CA ILE A 376 19.50 -11.61 6.74
C ILE A 376 18.96 -10.47 5.88
N GLN A 377 19.84 -9.87 5.08
CA GLN A 377 19.45 -8.84 4.12
C GLN A 377 19.25 -9.52 2.78
N GLY A 378 18.00 -9.60 2.32
CA GLY A 378 17.68 -10.30 1.10
C GLY A 378 17.40 -9.36 -0.05
N PRO A 379 18.34 -9.26 -0.99
CA PRO A 379 18.11 -8.46 -2.19
C PRO A 379 17.04 -9.10 -3.05
N PRO A 380 16.36 -8.31 -3.89
CA PRO A 380 15.32 -8.88 -4.75
C PRO A 380 15.90 -9.94 -5.69
N GLY A 381 15.12 -10.99 -5.92
CA GLY A 381 15.48 -12.02 -6.85
C GLY A 381 16.53 -13.01 -6.37
N THR A 382 16.86 -13.00 -5.09
CA THR A 382 17.88 -13.89 -4.56
C THR A 382 17.32 -15.22 -4.08
N GLY A 383 16.03 -15.47 -4.29
CA GLY A 383 15.42 -16.71 -3.85
C GLY A 383 15.41 -16.86 -2.34
N LYS A 384 15.01 -15.79 -1.65
CA LYS A 384 14.95 -15.83 -0.19
C LYS A 384 13.99 -16.89 0.31
N THR A 385 12.96 -17.22 -0.47
CA THR A 385 12.00 -18.23 -0.05
C THR A 385 12.66 -19.58 0.10
N VAL A 386 13.54 -19.95 -0.84
CA VAL A 386 14.26 -21.22 -0.74
C VAL A 386 15.15 -21.23 0.50
N THR A 387 15.81 -20.11 0.78
CA THR A 387 16.65 -20.02 1.96
C THR A 387 15.83 -20.23 3.22
N SER A 388 14.71 -19.51 3.35
CA SER A 388 13.87 -19.65 4.54
C SER A 388 13.33 -21.07 4.66
N ALA A 389 13.01 -21.70 3.53
CA ALA A 389 12.60 -23.10 3.55
C ALA A 389 13.70 -23.98 4.13
N THR A 390 14.95 -23.72 3.74
CA THR A 390 16.07 -24.45 4.31
C THR A 390 16.15 -24.23 5.82
N ILE A 391 15.96 -23.00 6.27
CA ILE A 391 16.02 -22.71 7.70
C ILE A 391 14.95 -23.48 8.45
N VAL A 392 13.71 -23.46 7.96
CA VAL A 392 12.66 -24.15 8.70
C VAL A 392 12.87 -25.65 8.65
N TYR A 393 13.37 -26.18 7.53
CA TYR A 393 13.66 -27.60 7.44
C TYR A 393 14.69 -28.00 8.49
N HIS A 394 15.79 -27.25 8.59
CA HIS A 394 16.80 -27.58 9.58
C HIS A 394 16.28 -27.41 10.99
N LEU A 395 15.49 -26.37 11.24
CA LEU A 395 14.95 -26.14 12.58
C LEU A 395 14.02 -27.27 13.00
N ALA A 396 13.17 -27.73 12.10
CA ALA A 396 12.32 -28.87 12.41
C ALA A 396 13.15 -30.13 12.63
N ARG A 397 14.20 -30.31 11.82
CA ARG A 397 15.09 -31.45 12.04
C ARG A 397 15.80 -31.38 13.38
N GLN A 398 15.97 -30.16 13.93
CA GLN A 398 16.55 -30.04 15.27
C GLN A 398 15.66 -30.67 16.33
N GLY A 399 14.35 -30.69 16.10
CA GLY A 399 13.43 -31.29 17.05
C GLY A 399 13.22 -30.51 18.32
N ASN A 400 13.48 -29.21 18.31
CA ASN A 400 13.31 -28.37 19.49
C ASN A 400 11.91 -27.76 19.53
N GLY A 401 10.92 -28.65 19.44
CA GLY A 401 9.53 -28.24 19.50
C GLY A 401 9.06 -27.59 18.21
N PRO A 402 7.86 -27.02 18.24
CA PRO A 402 7.32 -26.39 17.04
C PRO A 402 8.10 -25.15 16.65
N VAL A 403 8.05 -24.83 15.36
CA VAL A 403 8.74 -23.67 14.80
C VAL A 403 7.70 -22.72 14.24
N LEU A 404 7.76 -21.46 14.65
CA LEU A 404 6.80 -20.43 14.26
C LEU A 404 7.34 -19.65 13.08
N VAL A 405 6.48 -19.42 12.10
CA VAL A 405 6.79 -18.59 10.93
C VAL A 405 5.69 -17.54 10.79
N CYS A 406 6.09 -16.29 10.63
CA CYS A 406 5.13 -15.21 10.43
C CYS A 406 5.66 -14.25 9.37
N ALA A 407 4.73 -13.55 8.72
CA ALA A 407 5.04 -12.55 7.72
C ALA A 407 3.91 -11.54 7.70
N PRO A 408 4.20 -10.26 7.49
CA PRO A 408 3.14 -9.24 7.55
C PRO A 408 2.03 -9.46 6.53
N SER A 409 2.36 -9.94 5.34
CA SER A 409 1.38 -10.11 4.27
C SER A 409 1.00 -11.58 4.14
N ASN A 410 -0.29 -11.82 3.90
CA ASN A 410 -0.76 -13.20 3.76
C ASN A 410 -0.19 -13.84 2.50
N ILE A 411 0.13 -13.05 1.48
CA ILE A 411 0.73 -13.61 0.27
C ILE A 411 2.10 -14.19 0.56
N ALA A 412 2.91 -13.48 1.34
CA ALA A 412 4.21 -14.00 1.73
C ALA A 412 4.08 -15.26 2.56
N VAL A 413 3.09 -15.29 3.46
CA VAL A 413 2.85 -16.49 4.26
C VAL A 413 2.49 -17.66 3.36
N ASP A 414 1.63 -17.41 2.36
CA ASP A 414 1.24 -18.48 1.44
C ASP A 414 2.44 -18.99 0.66
N GLN A 415 3.28 -18.08 0.16
CA GLN A 415 4.47 -18.50 -0.58
C GLN A 415 5.39 -19.33 0.30
N LEU A 416 5.65 -18.87 1.52
CA LEU A 416 6.55 -19.59 2.41
C LEU A 416 5.99 -20.95 2.79
N THR A 417 4.69 -21.03 3.08
CA THR A 417 4.12 -22.32 3.47
C THR A 417 4.08 -23.28 2.30
N GLU A 418 3.84 -22.79 1.09
CA GLU A 418 3.96 -23.65 -0.09
C GLU A 418 5.39 -24.17 -0.23
N LYS A 419 6.37 -23.28 -0.02
CA LYS A 419 7.77 -23.70 -0.15
C LYS A 419 8.12 -24.78 0.86
N ILE A 420 7.71 -24.61 2.12
CA ILE A 420 8.09 -25.63 3.13
C ILE A 420 7.31 -26.92 2.89
N HIS A 421 6.02 -26.82 2.52
CA HIS A 421 5.26 -28.02 2.20
C HIS A 421 5.83 -28.75 1.00
N GLN A 422 6.55 -28.05 0.12
CA GLN A 422 7.23 -28.73 -0.97
C GLN A 422 8.26 -29.74 -0.48
N THR A 423 8.75 -29.60 0.75
CA THR A 423 9.70 -30.55 1.31
C THR A 423 9.01 -31.76 1.93
N GLY A 424 7.68 -31.79 1.95
CA GLY A 424 6.96 -32.89 2.57
C GLY A 424 6.81 -32.79 4.07
N LEU A 425 7.31 -31.74 4.70
CA LEU A 425 7.18 -31.57 6.13
C LEU A 425 5.74 -31.24 6.52
N LYS A 426 5.35 -31.68 7.71
CA LYS A 426 4.02 -31.39 8.23
C LYS A 426 3.95 -29.93 8.67
N VAL A 427 3.09 -29.15 8.00
CA VAL A 427 2.94 -27.73 8.28
C VAL A 427 1.48 -27.45 8.57
N VAL A 428 1.23 -26.54 9.51
CA VAL A 428 -0.11 -26.08 9.84
C VAL A 428 -0.16 -24.59 9.63
N ARG A 429 -1.10 -24.14 8.81
CA ARG A 429 -1.30 -22.72 8.52
C ARG A 429 -2.48 -22.21 9.31
N LEU A 430 -2.26 -21.15 10.09
CA LEU A 430 -3.29 -20.57 10.94
C LEU A 430 -3.88 -19.36 10.21
N CYS A 431 -5.19 -19.40 9.99
CA CYS A 431 -5.91 -18.34 9.30
C CYS A 431 -6.95 -17.74 10.23
N ALA A 432 -7.23 -16.45 10.04
CA ALA A 432 -8.25 -15.78 10.83
C ALA A 432 -9.63 -16.25 10.41
N LYS A 433 -10.62 -15.96 11.26
CA LYS A 433 -12.00 -16.30 10.94
C LYS A 433 -12.47 -15.56 9.69
N SER A 434 -12.07 -14.30 9.55
CA SER A 434 -12.44 -13.53 8.36
C SER A 434 -11.86 -14.13 7.10
N ARG A 435 -10.64 -14.67 7.18
CA ARG A 435 -9.98 -15.27 6.04
C ARG A 435 -10.31 -16.75 5.86
N GLU A 436 -11.18 -17.31 6.70
CA GLU A 436 -11.49 -18.73 6.60
C GLU A 436 -12.14 -19.07 5.26
N ALA A 437 -13.06 -18.22 4.80
CA ALA A 437 -13.73 -18.46 3.53
C ALA A 437 -12.88 -18.07 2.32
N ILE A 438 -11.74 -17.41 2.53
CA ILE A 438 -10.88 -17.03 1.43
C ILE A 438 -10.28 -18.28 0.79
N ASP A 439 -10.36 -18.36 -0.53
CA ASP A 439 -9.78 -19.47 -1.28
C ASP A 439 -8.33 -19.15 -1.63
N SER A 440 -7.43 -20.04 -1.25
CA SER A 440 -6.00 -19.88 -1.47
C SER A 440 -5.44 -21.17 -2.00
N PRO A 441 -4.31 -21.12 -2.72
CA PRO A 441 -3.69 -22.38 -3.19
C PRO A 441 -3.28 -23.29 -2.05
N VAL A 442 -3.01 -22.74 -0.86
CA VAL A 442 -2.63 -23.53 0.30
C VAL A 442 -3.79 -23.68 1.28
N SER A 443 -5.01 -23.36 0.86
CA SER A 443 -6.16 -23.46 1.75
C SER A 443 -6.37 -24.88 2.25
N PHE A 444 -5.93 -25.89 1.49
CA PHE A 444 -6.02 -27.26 1.95
C PHE A 444 -5.18 -27.51 3.18
N LEU A 445 -4.15 -26.68 3.42
CA LEU A 445 -3.31 -26.78 4.60
C LEU A 445 -3.77 -25.87 5.73
N ALA A 446 -4.88 -25.16 5.56
CA ALA A 446 -5.37 -24.28 6.61
C ALA A 446 -5.88 -25.09 7.79
N LEU A 447 -5.88 -24.46 8.97
CA LEU A 447 -6.26 -25.15 10.19
C LEU A 447 -7.73 -25.55 10.16
N HIS A 448 -8.62 -24.63 9.80
CA HIS A 448 -10.04 -24.94 9.79
C HIS A 448 -10.37 -26.00 8.76
N ASN A 449 -9.78 -25.90 7.57
CA ASN A 449 -10.02 -26.91 6.55
C ASN A 449 -9.48 -28.27 6.98
N GLN A 450 -8.32 -28.29 7.64
CA GLN A 450 -7.80 -29.54 8.17
C GLN A 450 -8.74 -30.13 9.22
N ILE A 451 -9.33 -29.27 10.05
CA ILE A 451 -10.32 -29.73 11.02
C ILE A 451 -11.52 -30.34 10.31
N ARG A 452 -11.99 -29.68 9.24
CA ARG A 452 -13.10 -30.22 8.47
C ARG A 452 -12.76 -31.56 7.84
N ASN A 453 -11.48 -31.77 7.52
CA ASN A 453 -11.02 -33.03 6.97
C ASN A 453 -10.50 -33.98 8.04
N MET A 454 -10.60 -33.59 9.31
CA MET A 454 -10.14 -34.43 10.42
C MET A 454 -11.21 -35.48 10.70
N ASP A 455 -10.91 -36.73 10.38
CA ASP A 455 -11.91 -37.79 10.39
C ASP A 455 -11.82 -38.72 11.60
N SER A 456 -10.86 -38.50 12.50
CA SER A 456 -10.74 -39.38 13.66
C SER A 456 -11.98 -39.29 14.56
N MET A 457 -12.49 -38.08 14.76
CA MET A 457 -13.68 -37.89 15.58
C MET A 457 -14.83 -37.49 14.65
N PRO A 458 -15.85 -38.34 14.48
CA PRO A 458 -16.87 -38.06 13.46
C PRO A 458 -17.97 -37.13 13.92
N GLU A 459 -18.24 -37.10 15.23
CA GLU A 459 -19.30 -36.24 15.74
C GLU A 459 -18.95 -34.77 15.55
N LEU A 460 -17.66 -34.43 15.59
CA LEU A 460 -17.26 -33.05 15.26
C LEU A 460 -17.64 -32.70 13.83
N GLN A 461 -17.41 -33.63 12.90
CA GLN A 461 -17.82 -33.40 11.52
C GLN A 461 -19.33 -33.30 11.40
N LYS A 462 -20.06 -34.12 12.15
CA LYS A 462 -21.52 -34.04 12.14
C LYS A 462 -21.99 -32.67 12.63
N LEU A 463 -21.40 -32.17 13.72
CA LEU A 463 -21.76 -30.85 14.20
C LEU A 463 -21.40 -29.77 13.20
N GLN A 464 -20.24 -29.91 12.54
CA GLN A 464 -19.83 -28.92 11.56
C GLN A 464 -20.79 -28.88 10.39
N GLN A 465 -21.19 -30.04 9.87
CA GLN A 465 -22.12 -30.04 8.74
C GLN A 465 -23.51 -29.60 9.16
N LEU A 466 -23.91 -29.89 10.40
CA LEU A 466 -25.19 -29.37 10.90
C LEU A 466 -25.16 -27.85 10.96
N LYS A 467 -24.05 -27.27 11.43
CA LYS A 467 -23.91 -25.83 11.42
C LYS A 467 -23.91 -25.28 10.00
N ASP A 468 -23.30 -26.02 9.08
CA ASP A 468 -23.28 -25.60 7.68
C ASP A 468 -24.67 -25.65 7.05
N GLU A 469 -25.54 -26.53 7.54
CA GLU A 469 -26.85 -26.72 6.93
C GLU A 469 -27.98 -26.00 7.68
N THR A 470 -27.73 -25.52 8.89
CA THR A 470 -28.73 -24.81 9.68
C THR A 470 -28.07 -23.61 10.33
N GLY A 471 -28.77 -23.01 11.30
CA GLY A 471 -28.24 -21.90 12.05
C GLY A 471 -27.52 -22.35 13.31
N GLU A 472 -27.47 -21.45 14.29
CA GLU A 472 -26.84 -21.78 15.57
C GLU A 472 -27.66 -22.81 16.33
N LEU A 473 -26.98 -23.77 16.93
CA LEU A 473 -27.64 -24.84 17.67
C LEU A 473 -27.93 -24.38 19.10
N SER A 474 -28.29 -25.33 19.96
CA SER A 474 -28.58 -25.00 21.34
C SER A 474 -27.32 -24.54 22.07
N SER A 475 -27.50 -23.97 23.25
CA SER A 475 -26.36 -23.49 24.03
C SER A 475 -25.44 -24.64 24.42
N ALA A 476 -26.00 -25.75 24.88
CA ALA A 476 -25.19 -26.91 25.22
C ALA A 476 -24.49 -27.48 23.99
N ASP A 477 -25.20 -27.53 22.86
CA ASP A 477 -24.58 -28.00 21.62
C ASP A 477 -23.44 -27.07 21.20
N GLU A 478 -23.64 -25.76 21.31
CA GLU A 478 -22.59 -24.82 20.97
C GLU A 478 -21.38 -24.97 21.88
N LYS A 479 -21.62 -25.15 23.18
CA LYS A 479 -20.51 -25.34 24.12
C LYS A 479 -19.75 -26.62 23.80
N ARG A 480 -20.46 -27.71 23.52
CA ARG A 480 -19.80 -28.96 23.18
C ARG A 480 -19.00 -28.81 21.89
N TYR A 481 -19.57 -28.14 20.89
CA TYR A 481 -18.86 -27.92 19.63
C TYR A 481 -17.59 -27.09 19.84
N ARG A 482 -17.70 -26.04 20.66
CA ARG A 482 -16.52 -25.22 20.95
C ARG A 482 -15.45 -26.02 21.66
N ALA A 483 -15.84 -26.83 22.64
CA ALA A 483 -14.87 -27.65 23.35
C ALA A 483 -14.20 -28.65 22.42
N LEU A 484 -14.99 -29.30 21.56
CA LEU A 484 -14.42 -30.25 20.61
C LEU A 484 -13.46 -29.57 19.66
N LYS A 485 -13.83 -28.40 19.15
CA LYS A 485 -12.96 -27.67 18.23
C LYS A 485 -11.66 -27.27 18.93
N ARG A 486 -11.76 -26.79 20.16
CA ARG A 486 -10.56 -26.40 20.90
C ARG A 486 -9.65 -27.59 21.14
N THR A 487 -10.22 -28.73 21.54
CA THR A 487 -9.40 -29.91 21.77
C THR A 487 -8.74 -30.38 20.49
N ALA A 488 -9.49 -30.42 19.38
CA ALA A 488 -8.93 -30.88 18.11
C ALA A 488 -7.82 -29.96 17.64
N GLU A 489 -8.03 -28.65 17.73
CA GLU A 489 -7.00 -27.72 17.27
C GLU A 489 -5.78 -27.76 18.17
N ARG A 490 -5.98 -27.95 19.48
CA ARG A 490 -4.83 -28.10 20.38
C ARG A 490 -4.02 -29.33 20.03
N GLU A 491 -4.70 -30.46 19.78
CA GLU A 491 -4.00 -31.67 19.40
C GLU A 491 -3.24 -31.47 18.08
N LEU A 492 -3.88 -30.82 17.11
CA LEU A 492 -3.22 -30.57 15.84
C LEU A 492 -1.99 -29.68 16.01
N LEU A 493 -2.08 -28.66 16.85
CA LEU A 493 -0.97 -27.73 17.02
C LEU A 493 0.19 -28.40 17.76
N MET A 494 -0.10 -29.18 18.81
CA MET A 494 0.97 -29.93 19.46
C MET A 494 1.62 -30.93 18.50
N ASN A 495 0.80 -31.63 17.71
CA ASN A 495 1.36 -32.61 16.78
C ASN A 495 2.15 -31.95 15.67
N ALA A 496 1.74 -30.75 15.26
CA ALA A 496 2.38 -30.07 14.14
C ALA A 496 3.82 -29.70 14.49
N ASP A 497 4.70 -29.79 13.49
CA ASP A 497 6.08 -29.42 13.65
C ASP A 497 6.34 -27.96 13.30
N VAL A 498 5.63 -27.43 12.31
CA VAL A 498 5.80 -26.05 11.86
C VAL A 498 4.43 -25.39 11.83
N ILE A 499 4.34 -24.20 12.45
CA ILE A 499 3.12 -23.41 12.47
C ILE A 499 3.43 -22.10 11.76
N CYS A 500 2.65 -21.79 10.72
CA CYS A 500 2.84 -20.57 9.96
C CYS A 500 1.57 -19.73 10.00
N CYS A 501 1.75 -18.42 10.11
CA CYS A 501 0.63 -17.49 10.24
C CYS A 501 1.16 -16.09 9.96
N THR A 502 0.35 -15.09 10.24
CA THR A 502 0.78 -13.70 10.12
C THR A 502 1.39 -13.21 11.43
N CYS A 503 2.17 -12.13 11.33
CA CYS A 503 2.81 -11.58 12.52
C CYS A 503 1.77 -11.13 13.54
N VAL A 504 0.74 -10.41 13.08
CA VAL A 504 -0.33 -10.03 13.98
C VAL A 504 -1.16 -11.25 14.38
N GLY A 505 -1.38 -12.17 13.44
CA GLY A 505 -2.18 -13.35 13.72
C GLY A 505 -1.58 -14.24 14.80
N ALA A 506 -0.29 -14.09 15.09
CA ALA A 506 0.31 -14.85 16.17
C ALA A 506 -0.28 -14.47 17.53
N GLY A 507 -0.95 -13.33 17.62
CA GLY A 507 -1.60 -12.92 18.84
C GLY A 507 -2.94 -13.55 19.09
N ASP A 508 -3.32 -14.55 18.29
CA ASP A 508 -4.60 -15.22 18.48
C ASP A 508 -4.60 -15.99 19.79
N PRO A 509 -5.69 -15.94 20.55
CA PRO A 509 -5.76 -16.73 21.79
C PRO A 509 -5.61 -18.22 21.56
N ARG A 510 -6.04 -18.72 20.39
CA ARG A 510 -5.86 -20.13 20.09
C ARG A 510 -4.39 -20.51 20.03
N LEU A 511 -3.57 -19.64 19.44
CA LEU A 511 -2.13 -19.87 19.41
C LEU A 511 -1.45 -19.52 20.72
N ALA A 512 -2.13 -18.79 21.60
CA ALA A 512 -1.54 -18.37 22.87
C ALA A 512 -1.32 -19.59 23.77
N LYS A 513 -0.75 -19.32 24.95
CA LYS A 513 -0.42 -20.35 25.93
C LYS A 513 0.52 -21.40 25.35
N MET A 514 1.41 -20.98 24.46
CA MET A 514 2.36 -21.88 23.82
C MET A 514 3.74 -21.24 23.82
N GLN A 515 4.76 -22.08 23.76
CA GLN A 515 6.15 -21.64 23.79
C GLN A 515 6.86 -22.15 22.53
N PHE A 516 7.61 -21.27 21.89
CA PHE A 516 8.33 -21.59 20.67
C PHE A 516 9.80 -21.20 20.83
N ARG A 517 10.69 -22.15 20.57
CA ARG A 517 12.13 -21.90 20.67
C ARG A 517 12.73 -21.36 19.39
N SER A 518 11.96 -21.26 18.31
CA SER A 518 12.47 -20.81 17.03
C SER A 518 11.43 -19.96 16.32
N ILE A 519 11.84 -18.78 15.88
CA ILE A 519 10.97 -17.87 15.14
C ILE A 519 11.77 -17.32 13.96
N LEU A 520 11.14 -17.31 12.78
CA LEU A 520 11.78 -16.89 11.54
C LEU A 520 10.93 -15.80 10.87
N ILE A 521 10.65 -14.74 11.63
CA ILE A 521 9.93 -13.58 11.13
C ILE A 521 10.45 -13.20 9.75
N ASP A 522 9.56 -13.10 8.79
CA ASP A 522 9.91 -12.85 7.39
C ASP A 522 9.32 -11.54 6.93
N GLU A 523 10.00 -10.90 5.97
CA GLU A 523 9.58 -9.62 5.41
C GLU A 523 9.39 -8.57 6.51
N SER A 524 10.27 -8.61 7.50
CA SER A 524 10.16 -7.70 8.64
C SER A 524 10.36 -6.25 8.26
N THR A 525 11.05 -5.99 7.15
CA THR A 525 11.26 -4.61 6.72
C THR A 525 9.97 -3.94 6.29
N GLN A 526 8.89 -4.70 6.13
CA GLN A 526 7.60 -4.17 5.73
C GLN A 526 6.64 -3.98 6.89
N ALA A 527 7.07 -4.27 8.11
CA ALA A 527 6.17 -4.23 9.26
C ALA A 527 6.72 -3.29 10.33
N THR A 528 5.80 -2.65 11.05
CA THR A 528 6.17 -1.80 12.16
C THR A 528 6.81 -2.64 13.26
N GLU A 529 7.66 -2.00 14.06
CA GLU A 529 8.38 -2.73 15.11
C GLU A 529 7.46 -3.49 16.04
N PRO A 530 6.37 -2.92 16.57
CA PRO A 530 5.46 -3.75 17.40
C PRO A 530 4.83 -4.89 16.64
N GLU A 531 4.59 -4.75 15.34
CA GLU A 531 4.04 -5.87 14.58
C GLU A 531 5.01 -7.04 14.56
N CYS A 532 6.29 -6.78 14.35
CA CYS A 532 7.28 -7.84 14.41
C CYS A 532 7.49 -8.32 15.84
N MET A 533 7.21 -7.47 16.82
CA MET A 533 7.44 -7.83 18.22
C MET A 533 6.28 -8.60 18.81
N VAL A 534 5.12 -8.59 18.16
CA VAL A 534 3.98 -9.37 18.66
C VAL A 534 4.30 -10.85 18.75
N PRO A 535 4.86 -11.51 17.72
CA PRO A 535 5.07 -12.96 17.84
C PRO A 535 6.20 -13.36 18.77
N VAL A 536 7.23 -12.52 18.93
CA VAL A 536 8.42 -12.97 19.64
C VAL A 536 8.18 -13.11 21.13
N VAL A 537 7.16 -12.45 21.68
CA VAL A 537 6.94 -12.51 23.13
C VAL A 537 6.38 -13.87 23.51
N LEU A 538 6.18 -14.74 22.53
CA LEU A 538 5.64 -16.07 22.76
C LEU A 538 6.64 -17.01 23.43
N GLY A 539 7.87 -16.56 23.68
CA GLY A 539 8.86 -17.43 24.30
C GLY A 539 10.08 -17.63 23.43
N ALA A 540 10.40 -16.64 22.60
CA ALA A 540 11.48 -16.77 21.63
C ALA A 540 12.82 -17.02 22.31
N LYS A 541 13.55 -18.00 21.79
CA LYS A 541 14.93 -18.27 22.20
C LYS A 541 15.91 -18.23 21.04
N GLN A 542 15.52 -18.69 19.86
CA GLN A 542 16.30 -18.54 18.64
C GLN A 542 15.45 -17.78 17.63
N LEU A 543 15.98 -16.68 17.12
CA LEU A 543 15.18 -15.67 16.46
C LEU A 543 15.91 -15.19 15.21
N ILE A 544 15.23 -15.23 14.06
CA ILE A 544 15.82 -14.88 12.77
C ILE A 544 14.94 -13.84 12.08
N LEU A 545 15.57 -12.80 11.55
CA LEU A 545 14.91 -11.80 10.72
C LEU A 545 15.37 -11.97 9.28
N VAL A 546 14.42 -11.91 8.34
CA VAL A 546 14.69 -11.86 6.91
C VAL A 546 13.99 -10.64 6.35
N GLY A 547 14.74 -9.79 5.64
CA GLY A 547 14.18 -8.62 5.01
C GLY A 547 15.29 -7.75 4.48
N ASP A 548 14.88 -6.73 3.73
CA ASP A 548 15.81 -5.80 3.11
C ASP A 548 15.37 -4.37 3.40
N HIS A 549 16.20 -3.64 4.14
CA HIS A 549 15.89 -2.23 4.42
C HIS A 549 15.89 -1.40 3.14
N CYS A 550 16.68 -1.80 2.14
CA CYS A 550 16.75 -1.03 0.90
C CYS A 550 15.51 -1.26 0.04
N GLN A 551 14.73 -2.29 0.32
CA GLN A 551 13.54 -2.56 -0.50
C GLN A 551 12.43 -1.56 -0.22
N LEU A 552 11.94 -1.53 1.02
CA LEU A 552 10.85 -0.63 1.40
C LEU A 552 10.72 -0.67 2.91
N GLY A 553 9.88 0.22 3.42
CA GLY A 553 9.58 0.26 4.84
C GLY A 553 8.09 0.17 5.10
N PRO A 554 7.71 -0.12 6.34
CA PRO A 554 6.30 -0.20 6.67
C PRO A 554 5.62 1.15 6.51
N VAL A 555 4.34 1.11 6.15
CA VAL A 555 3.56 2.31 5.89
C VAL A 555 2.78 2.65 7.15
N VAL A 556 3.00 3.87 7.66
CA VAL A 556 2.26 4.39 8.81
C VAL A 556 1.46 5.60 8.36
N MET A 557 0.23 5.70 8.85
CA MET A 557 -0.67 6.75 8.40
C MET A 557 -0.62 8.00 9.27
N CYS A 558 -0.44 7.84 10.58
CA CYS A 558 -0.41 8.99 11.46
C CYS A 558 0.84 9.83 11.23
N LYS A 559 0.65 11.13 11.01
CA LYS A 559 1.79 12.01 10.79
C LYS A 559 2.67 12.12 12.02
N LYS A 560 2.04 12.25 13.20
CA LYS A 560 2.81 12.36 14.44
C LYS A 560 3.60 11.07 14.71
N ALA A 561 2.99 9.92 14.43
CA ALA A 561 3.70 8.66 14.60
C ALA A 561 4.89 8.57 13.66
N ALA A 562 4.71 9.00 12.41
CA ALA A 562 5.83 8.98 11.47
C ALA A 562 6.95 9.92 11.92
N LYS A 563 6.59 11.10 12.42
CA LYS A 563 7.61 12.03 12.90
C LYS A 563 8.34 11.46 14.11
N ALA A 564 7.61 10.78 15.00
CA ALA A 564 8.22 10.20 16.19
C ALA A 564 9.14 9.03 15.87
N GLY A 565 9.11 8.52 14.63
CA GLY A 565 9.95 7.41 14.25
C GLY A 565 9.28 6.06 14.21
N LEU A 566 7.95 6.00 14.27
CA LEU A 566 7.27 4.71 14.22
C LEU A 566 7.45 4.01 12.88
N SER A 567 7.75 4.77 11.81
CA SER A 567 7.94 4.16 10.51
C SER A 567 9.16 3.25 10.46
N GLN A 568 10.10 3.41 11.39
CA GLN A 568 11.27 2.56 11.42
C GLN A 568 10.89 1.12 11.76
N SER A 569 11.45 0.19 11.02
CA SER A 569 11.21 -1.22 11.26
C SER A 569 12.21 -1.78 12.28
N LEU A 570 11.89 -2.95 12.82
CA LEU A 570 12.81 -3.61 13.74
C LEU A 570 14.11 -3.97 13.04
N PHE A 571 14.05 -4.32 11.75
CA PHE A 571 15.26 -4.59 10.99
C PHE A 571 16.19 -3.39 10.97
N GLU A 572 15.63 -2.20 10.73
CA GLU A 572 16.45 -1.00 10.68
C GLU A 572 17.10 -0.71 12.03
N ARG A 573 16.33 -0.85 13.12
CA ARG A 573 16.89 -0.61 14.43
C ARG A 573 17.99 -1.61 14.77
N LEU A 574 17.77 -2.88 14.43
CA LEU A 574 18.81 -3.87 14.69
C LEU A 574 20.06 -3.59 13.88
N VAL A 575 19.89 -3.17 12.62
CA VAL A 575 21.04 -2.88 11.77
C VAL A 575 21.83 -1.70 12.33
N VAL A 576 21.14 -0.61 12.66
CA VAL A 576 21.83 0.56 13.17
C VAL A 576 22.35 0.33 14.58
N LEU A 577 21.86 -0.71 15.26
CA LEU A 577 22.37 -1.00 16.59
C LEU A 577 23.82 -1.46 16.55
N GLY A 578 24.26 -2.08 15.46
CA GLY A 578 25.63 -2.52 15.33
C GLY A 578 25.75 -3.92 14.79
N ILE A 579 24.63 -4.54 14.43
CA ILE A 579 24.61 -5.89 13.89
C ILE A 579 24.66 -5.79 12.37
N ARG A 580 25.69 -6.40 11.78
CA ARG A 580 25.83 -6.39 10.33
C ARG A 580 25.04 -7.54 9.74
N PRO A 581 24.02 -7.29 8.93
CA PRO A 581 23.21 -8.38 8.38
C PRO A 581 23.93 -9.08 7.22
N ILE A 582 23.86 -10.40 7.23
CA ILE A 582 24.44 -11.19 6.15
C ILE A 582 23.53 -11.11 4.94
N ARG A 583 24.11 -10.83 3.77
CA ARG A 583 23.35 -10.55 2.56
C ARG A 583 23.70 -11.57 1.48
N LEU A 584 22.69 -12.10 0.81
CA LEU A 584 22.91 -12.99 -0.32
C LEU A 584 23.56 -12.22 -1.46
N GLN A 585 24.57 -12.84 -2.08
CA GLN A 585 25.38 -12.17 -3.08
C GLN A 585 25.04 -12.55 -4.51
N VAL A 586 24.06 -13.43 -4.72
CA VAL A 586 23.68 -13.85 -6.06
C VAL A 586 22.17 -13.80 -6.19
N GLN A 587 21.71 -13.69 -7.43
CA GLN A 587 20.28 -13.60 -7.71
C GLN A 587 20.03 -14.08 -9.13
N TYR A 588 18.83 -14.61 -9.37
CA TYR A 588 18.37 -14.96 -10.72
C TYR A 588 16.99 -14.35 -10.91
N ARG A 589 16.96 -13.06 -11.26
CA ARG A 589 15.72 -12.41 -11.64
C ARG A 589 15.84 -11.47 -12.83
N MET A 590 17.02 -10.92 -13.12
CA MET A 590 17.16 -9.88 -14.13
C MET A 590 18.23 -10.26 -15.14
N HIS A 591 18.03 -9.80 -16.37
CA HIS A 591 19.12 -9.79 -17.32
C HIS A 591 20.21 -8.86 -16.79
N PRO A 592 21.49 -9.17 -17.03
CA PRO A 592 22.56 -8.42 -16.34
C PRO A 592 22.51 -6.91 -16.54
N ALA A 593 22.01 -6.46 -17.69
CA ALA A 593 22.00 -5.02 -17.97
C ALA A 593 21.15 -4.26 -16.95
N LEU A 594 19.94 -4.75 -16.67
CA LEU A 594 19.07 -4.06 -15.73
C LEU A 594 19.60 -4.16 -14.31
N SER A 595 20.14 -5.31 -13.93
CA SER A 595 20.63 -5.52 -12.57
C SER A 595 21.96 -4.85 -12.31
N ALA A 596 22.67 -4.40 -13.34
CA ALA A 596 23.99 -3.81 -13.14
C ALA A 596 23.92 -2.52 -12.32
N PHE A 597 22.93 -1.67 -12.61
CA PHE A 597 22.90 -0.35 -11.97
C PHE A 597 22.50 -0.42 -10.50
N PRO A 598 21.33 -0.99 -10.14
CA PRO A 598 20.95 -0.99 -8.72
C PRO A 598 21.94 -1.72 -7.84
N SER A 599 22.57 -2.77 -8.35
CA SER A 599 23.62 -3.44 -7.58
C SER A 599 24.79 -2.49 -7.31
N ASN A 600 25.19 -1.73 -8.33
CA ASN A 600 26.30 -0.79 -8.16
C ASN A 600 25.95 0.30 -7.17
N ILE A 601 24.71 0.79 -7.21
CA ILE A 601 24.36 1.97 -6.43
C ILE A 601 23.94 1.57 -5.01
N PHE A 602 22.87 0.80 -4.89
CA PHE A 602 22.28 0.52 -3.58
C PHE A 602 22.94 -0.67 -2.88
N TYR A 603 23.81 -1.40 -3.55
CA TYR A 603 24.45 -2.57 -2.94
C TYR A 603 25.96 -2.54 -3.16
N GLU A 604 26.53 -1.34 -3.33
CA GLU A 604 27.96 -1.09 -3.49
C GLU A 604 28.65 -2.12 -4.36
N GLY A 605 28.01 -2.50 -5.47
CA GLY A 605 28.60 -3.45 -6.40
C GLY A 605 28.87 -4.81 -5.81
N SER A 606 27.92 -5.34 -5.03
CA SER A 606 28.08 -6.64 -4.41
C SER A 606 27.25 -7.75 -5.04
N LEU A 607 26.13 -7.40 -5.68
CA LEU A 607 25.28 -8.42 -6.29
C LEU A 607 25.98 -9.06 -7.49
N GLN A 608 25.68 -10.33 -7.71
CA GLN A 608 26.21 -11.08 -8.84
C GLN A 608 25.06 -11.58 -9.69
N ASN A 609 25.27 -11.61 -11.00
CA ASN A 609 24.26 -12.02 -11.95
C ASN A 609 24.35 -13.54 -12.14
N GLY A 610 23.36 -14.25 -11.60
CA GLY A 610 23.32 -15.70 -11.71
C GLY A 610 22.77 -16.24 -13.00
N VAL A 611 22.37 -15.36 -13.93
CA VAL A 611 21.85 -15.78 -15.23
C VAL A 611 22.61 -15.00 -16.30
N THR A 612 22.59 -15.55 -17.50
CA THR A 612 23.30 -14.96 -18.63
C THR A 612 22.36 -14.14 -19.50
N ALA A 613 22.94 -13.39 -20.44
CA ALA A 613 22.15 -12.56 -21.33
C ALA A 613 21.21 -13.40 -22.19
N ALA A 614 21.72 -14.50 -22.75
CA ALA A 614 20.89 -15.35 -23.60
C ALA A 614 19.75 -16.00 -22.83
N ASP A 615 19.91 -16.19 -21.52
CA ASP A 615 18.85 -16.80 -20.72
C ASP A 615 17.65 -15.87 -20.56
N ARG A 616 17.88 -14.56 -20.47
CA ARG A 616 16.84 -13.61 -20.14
C ARG A 616 16.31 -12.86 -21.36
N VAL A 617 16.21 -13.54 -22.50
CA VAL A 617 15.57 -12.99 -23.69
C VAL A 617 14.32 -13.81 -23.97
N LYS A 618 13.23 -13.12 -24.28
CA LYS A 618 11.96 -13.80 -24.54
C LYS A 618 11.86 -14.15 -26.01
N LYS A 619 11.57 -15.41 -26.30
CA LYS A 619 11.43 -15.84 -27.69
C LYS A 619 10.15 -15.29 -28.29
N GLY A 620 10.17 -15.09 -29.60
CA GLY A 620 9.03 -14.50 -30.28
C GLY A 620 8.74 -13.08 -29.84
N PHE A 621 9.79 -12.29 -29.60
CA PHE A 621 9.67 -10.91 -29.14
C PHE A 621 10.52 -10.03 -30.05
N ASP A 622 9.94 -9.61 -31.17
CA ASP A 622 10.66 -8.82 -32.17
C ASP A 622 10.37 -7.34 -31.96
N PHE A 623 10.84 -6.82 -30.84
CA PHE A 623 10.68 -5.42 -30.48
C PHE A 623 12.00 -4.70 -30.64
N GLN A 624 11.97 -3.58 -31.35
CA GLN A 624 13.18 -2.79 -31.56
C GLN A 624 13.61 -2.13 -30.26
N TRP A 625 14.92 -2.00 -30.09
CA TRP A 625 15.51 -1.37 -28.91
C TRP A 625 16.48 -0.30 -29.35
N PRO A 626 16.66 0.75 -28.54
CA PRO A 626 17.72 1.72 -28.83
C PRO A 626 19.10 1.07 -28.89
N GLN A 627 19.34 0.10 -28.03
CA GLN A 627 20.53 -0.74 -28.09
C GLN A 627 20.05 -2.18 -28.13
N PRO A 628 20.37 -2.95 -29.17
CA PRO A 628 19.87 -4.34 -29.23
C PRO A 628 20.33 -5.20 -28.07
N ASP A 629 21.50 -4.91 -27.49
CA ASP A 629 21.99 -5.66 -26.35
C ASP A 629 21.39 -5.22 -25.03
N LYS A 630 20.74 -4.06 -24.98
CA LYS A 630 20.18 -3.52 -23.74
C LYS A 630 18.67 -3.37 -23.87
N PRO A 631 17.89 -4.26 -23.27
CA PRO A 631 16.43 -4.19 -23.38
C PRO A 631 15.79 -3.29 -22.33
N MET A 632 16.23 -2.03 -22.28
CA MET A 632 15.57 -1.03 -21.47
C MET A 632 15.95 0.35 -22.00
N PHE A 633 15.06 1.31 -21.77
CA PHE A 633 15.32 2.68 -22.18
C PHE A 633 14.40 3.61 -21.41
N PHE A 634 14.73 4.90 -21.45
CA PHE A 634 13.97 5.96 -20.82
C PHE A 634 13.33 6.82 -21.92
N TYR A 635 12.01 6.93 -21.88
CA TYR A 635 11.26 7.77 -22.80
C TYR A 635 10.99 9.11 -22.15
N VAL A 636 11.36 10.18 -22.84
CA VAL A 636 11.24 11.54 -22.30
C VAL A 636 9.88 12.11 -22.66
N THR A 637 9.19 12.65 -21.67
CA THR A 637 7.89 13.29 -21.88
C THR A 637 7.90 14.65 -21.21
N GLN A 638 7.18 15.59 -21.81
CA GLN A 638 7.11 16.97 -21.34
C GLN A 638 5.73 17.31 -20.77
N GLY A 639 5.11 16.34 -20.09
CA GLY A 639 3.80 16.56 -19.53
C GLY A 639 3.83 17.38 -18.25
N GLN A 640 2.64 17.76 -17.80
CA GLN A 640 2.47 18.52 -16.57
C GLN A 640 1.63 17.72 -15.60
N GLU A 641 2.09 17.63 -14.36
CA GLU A 641 1.36 16.87 -13.35
C GLU A 641 0.03 17.55 -13.02
N GLU A 642 -0.95 16.74 -12.65
CA GLU A 642 -2.27 17.22 -12.31
C GLU A 642 -2.73 16.56 -11.01
N ILE A 643 -3.51 17.30 -10.24
CA ILE A 643 -4.00 16.79 -8.96
C ILE A 643 -5.06 15.73 -9.21
N ALA A 644 -4.95 14.60 -8.51
CA ALA A 644 -5.87 13.50 -8.71
C ALA A 644 -7.22 13.82 -8.06
N SER A 645 -8.16 12.89 -8.22
CA SER A 645 -9.50 13.09 -7.67
C SER A 645 -9.47 13.12 -6.15
N SER A 646 -8.63 12.28 -5.53
CA SER A 646 -8.55 12.25 -4.07
C SER A 646 -8.00 13.55 -3.50
N GLY A 647 -7.35 14.37 -4.32
CA GLY A 647 -6.82 15.64 -3.88
C GLY A 647 -5.42 15.59 -3.29
N THR A 648 -4.82 14.41 -3.20
CA THR A 648 -3.49 14.27 -2.65
C THR A 648 -2.56 13.42 -3.51
N SER A 649 -3.05 12.88 -4.62
CA SER A 649 -2.22 12.13 -5.56
C SER A 649 -2.03 12.95 -6.83
N TYR A 650 -1.33 12.37 -7.80
CA TYR A 650 -0.97 13.07 -9.02
C TYR A 650 -1.17 12.15 -10.21
N LEU A 651 -1.30 12.77 -11.38
CA LEU A 651 -1.46 12.04 -12.63
C LEU A 651 -0.92 12.89 -13.78
N ASN A 652 -0.89 12.30 -14.96
CA ASN A 652 -0.39 13.01 -16.15
C ASN A 652 -0.97 12.36 -17.39
N ARG A 653 -1.65 13.16 -18.22
CA ARG A 653 -2.29 12.61 -19.41
C ARG A 653 -1.28 12.28 -20.50
N THR A 654 -0.26 13.12 -20.68
CA THR A 654 0.73 12.88 -21.72
C THR A 654 1.47 11.59 -21.47
N GLU A 655 1.90 11.36 -20.24
CA GLU A 655 2.58 10.11 -19.91
C GLU A 655 1.64 8.92 -20.03
N ALA A 656 0.35 9.09 -19.72
CA ALA A 656 -0.60 8.01 -19.92
C ALA A 656 -0.72 7.63 -21.39
N ALA A 657 -0.78 8.63 -22.27
CA ALA A 657 -0.83 8.35 -23.70
C ALA A 657 0.45 7.68 -24.18
N ASN A 658 1.59 8.14 -23.69
CA ASN A 658 2.86 7.50 -24.05
C ASN A 658 2.89 6.05 -23.58
N VAL A 659 2.39 5.78 -22.37
CA VAL A 659 2.34 4.43 -21.85
C VAL A 659 1.43 3.57 -22.72
N GLU A 660 0.29 4.11 -23.13
CA GLU A 660 -0.60 3.38 -24.02
C GLU A 660 0.11 3.04 -25.33
N LYS A 661 0.86 4.01 -25.89
CA LYS A 661 1.55 3.76 -27.15
C LYS A 661 2.59 2.65 -26.99
N ILE A 662 3.40 2.71 -25.92
CA ILE A 662 4.45 1.71 -25.79
C ILE A 662 3.84 0.34 -25.49
N THR A 663 2.75 0.29 -24.73
CA THR A 663 2.11 -1.00 -24.48
C THR A 663 1.53 -1.58 -25.77
N THR A 664 0.92 -0.73 -26.61
CA THR A 664 0.43 -1.21 -27.88
C THR A 664 1.56 -1.77 -28.73
N LYS A 665 2.69 -1.06 -28.74
CA LYS A 665 3.85 -1.56 -29.48
C LYS A 665 4.34 -2.89 -28.90
N LEU A 666 4.33 -3.02 -27.57
CA LEU A 666 4.81 -4.24 -26.94
C LEU A 666 3.93 -5.43 -27.29
N LEU A 667 2.60 -5.25 -27.24
CA LEU A 667 1.72 -6.32 -27.69
C LEU A 667 1.91 -6.61 -29.18
N LYS A 668 2.15 -5.58 -29.98
CA LYS A 668 2.45 -5.81 -31.39
C LYS A 668 3.74 -6.59 -31.57
N ALA A 669 4.63 -6.55 -30.57
CA ALA A 669 5.91 -7.25 -30.65
C ALA A 669 5.79 -8.74 -30.33
N GLY A 670 4.62 -9.21 -29.90
CA GLY A 670 4.41 -10.59 -29.57
C GLY A 670 4.45 -10.92 -28.10
N ALA A 671 4.80 -9.95 -27.25
CA ALA A 671 4.79 -10.19 -25.82
C ALA A 671 3.39 -10.48 -25.32
N LYS A 672 3.26 -11.49 -24.47
CA LYS A 672 1.96 -11.87 -23.96
C LYS A 672 1.41 -10.78 -23.05
N PRO A 673 0.10 -10.54 -23.09
CA PRO A 673 -0.47 -9.43 -22.30
C PRO A 673 -0.26 -9.56 -20.81
N ASP A 674 -0.24 -10.78 -20.27
CA ASP A 674 0.00 -10.95 -18.84
C ASP A 674 1.42 -10.55 -18.45
N GLN A 675 2.35 -10.52 -19.41
CA GLN A 675 3.72 -10.11 -19.13
C GLN A 675 3.84 -8.61 -18.97
N ILE A 676 3.03 -7.83 -19.69
CA ILE A 676 3.13 -6.38 -19.65
C ILE A 676 2.54 -5.88 -18.34
N GLY A 677 3.37 -5.24 -17.52
CA GLY A 677 2.91 -4.65 -16.28
C GLY A 677 3.14 -3.15 -16.29
N ILE A 678 2.24 -2.42 -15.63
CA ILE A 678 2.33 -0.98 -15.51
C ILE A 678 2.48 -0.64 -14.03
N ILE A 679 3.50 0.15 -13.70
CA ILE A 679 3.78 0.51 -12.32
C ILE A 679 3.85 2.04 -12.22
N THR A 680 3.11 2.59 -11.26
CA THR A 680 3.10 4.01 -10.95
C THR A 680 3.10 4.16 -9.44
N PRO A 681 3.87 5.10 -8.91
CA PRO A 681 3.85 5.31 -7.45
C PRO A 681 2.59 6.00 -6.94
N TYR A 682 1.81 6.63 -7.80
CA TYR A 682 0.65 7.40 -7.38
C TYR A 682 -0.63 6.65 -7.70
N GLU A 683 -1.53 6.58 -6.72
CA GLU A 683 -2.80 5.89 -6.92
C GLU A 683 -3.66 6.58 -7.96
N GLY A 684 -3.66 7.92 -7.95
CA GLY A 684 -4.45 8.64 -8.93
C GLY A 684 -4.01 8.36 -10.36
N GLN A 685 -2.70 8.29 -10.57
CA GLN A 685 -2.20 7.92 -11.90
C GLN A 685 -2.64 6.52 -12.28
N ARG A 686 -2.62 5.59 -11.32
CA ARG A 686 -3.06 4.23 -11.61
C ARG A 686 -4.52 4.19 -12.01
N SER A 687 -5.37 4.92 -11.28
CA SER A 687 -6.79 4.94 -11.62
C SER A 687 -7.01 5.59 -12.98
N TYR A 688 -6.31 6.69 -13.27
CA TYR A 688 -6.46 7.34 -14.56
C TYR A 688 -6.01 6.42 -15.69
N LEU A 689 -4.93 5.69 -15.48
CA LEU A 689 -4.48 4.73 -16.48
C LEU A 689 -5.50 3.63 -16.69
N VAL A 690 -6.11 3.16 -15.60
CA VAL A 690 -7.16 2.14 -15.72
C VAL A 690 -8.30 2.65 -16.57
N GLN A 691 -8.77 3.87 -16.29
CA GLN A 691 -9.86 4.45 -17.06
C GLN A 691 -9.46 4.63 -18.53
N TYR A 692 -8.24 5.11 -18.76
CA TYR A 692 -7.78 5.37 -20.13
C TYR A 692 -7.59 4.09 -20.92
N MET A 693 -7.22 2.99 -20.27
CA MET A 693 -6.95 1.75 -20.99
C MET A 693 -8.16 0.83 -21.05
N GLN A 694 -9.17 1.06 -20.22
CA GLN A 694 -10.34 0.18 -20.20
C GLN A 694 -11.44 0.68 -21.13
N PHE A 695 -11.91 1.90 -20.92
CA PHE A 695 -13.05 2.41 -21.69
C PHE A 695 -12.63 2.77 -23.11
N SER A 696 -11.48 3.40 -23.27
CA SER A 696 -10.99 3.85 -24.57
C SER A 696 -9.83 2.95 -24.98
N GLY A 697 -10.13 1.89 -25.72
CA GLY A 697 -9.10 0.99 -26.20
C GLY A 697 -8.95 1.01 -27.70
N SER A 698 -7.82 1.53 -28.19
CA SER A 698 -7.59 1.59 -29.63
C SER A 698 -7.49 0.18 -30.21
N LEU A 699 -6.83 -0.73 -29.52
CA LEU A 699 -6.79 -2.13 -29.90
C LEU A 699 -7.94 -2.86 -29.21
N HIS A 700 -7.89 -4.19 -29.21
CA HIS A 700 -8.92 -4.98 -28.57
C HIS A 700 -9.04 -4.61 -27.10
N THR A 701 -10.26 -4.41 -26.63
CA THR A 701 -10.48 -3.96 -25.27
C THR A 701 -10.01 -5.00 -24.25
N LYS A 702 -10.32 -6.28 -24.49
CA LYS A 702 -9.86 -7.32 -23.58
C LYS A 702 -8.35 -7.44 -23.59
N LEU A 703 -7.72 -7.14 -24.73
CA LEU A 703 -6.27 -7.16 -24.82
C LEU A 703 -5.65 -6.18 -23.83
N TYR A 704 -6.19 -4.96 -23.78
CA TYR A 704 -5.74 -4.00 -22.78
C TYR A 704 -6.17 -4.41 -21.39
N GLN A 705 -7.30 -5.12 -21.29
CA GLN A 705 -7.78 -5.56 -19.98
C GLN A 705 -6.80 -6.52 -19.33
N GLU A 706 -6.17 -7.39 -20.13
CA GLU A 706 -5.35 -8.45 -19.58
C GLU A 706 -4.17 -7.90 -18.77
N VAL A 707 -3.56 -6.81 -19.24
CA VAL A 707 -2.48 -6.21 -18.46
C VAL A 707 -3.05 -5.64 -17.17
N GLU A 708 -2.20 -5.52 -16.15
CA GLU A 708 -2.62 -5.08 -14.84
C GLU A 708 -1.72 -3.94 -14.35
N ILE A 709 -2.33 -3.05 -13.57
CA ILE A 709 -1.65 -1.88 -13.03
C ILE A 709 -1.85 -1.88 -11.52
N ALA A 710 -0.84 -1.43 -10.80
CA ALA A 710 -0.90 -1.41 -9.34
C ALA A 710 0.08 -0.38 -8.81
N SER A 711 0.01 -0.14 -7.51
CA SER A 711 0.96 0.74 -6.85
C SER A 711 2.29 0.01 -6.64
N VAL A 712 3.28 0.75 -6.13
CA VAL A 712 4.63 0.22 -6.05
C VAL A 712 4.69 -1.00 -5.15
N ASP A 713 4.13 -0.90 -3.94
CA ASP A 713 4.20 -2.03 -3.02
C ASP A 713 3.11 -3.06 -3.28
N ALA A 714 2.05 -2.71 -4.02
CA ALA A 714 1.11 -3.72 -4.47
C ALA A 714 1.78 -4.67 -5.45
N PHE A 715 2.59 -4.12 -6.35
CA PHE A 715 3.35 -4.91 -7.30
C PHE A 715 4.67 -5.44 -6.74
N GLN A 716 5.10 -4.93 -5.59
CA GLN A 716 6.41 -5.34 -5.05
C GLN A 716 6.47 -6.83 -4.80
N GLY A 717 5.42 -7.41 -4.22
CA GLY A 717 5.42 -8.84 -3.96
C GLY A 717 5.19 -9.68 -5.20
N ARG A 718 5.31 -9.07 -6.37
CA ARG A 718 5.04 -9.76 -7.62
C ARG A 718 6.19 -9.52 -8.59
N GLU A 719 6.41 -10.51 -9.44
CA GLU A 719 7.56 -10.51 -10.35
C GLU A 719 7.06 -10.85 -11.75
N LYS A 720 7.35 -9.97 -12.71
CA LYS A 720 6.88 -10.15 -14.08
C LYS A 720 8.00 -9.84 -15.06
N ASP A 721 7.73 -10.12 -16.34
CA ASP A 721 8.75 -10.03 -17.37
C ASP A 721 9.03 -8.59 -17.77
N PHE A 722 8.04 -7.91 -18.33
CA PHE A 722 8.22 -6.56 -18.85
C PHE A 722 7.43 -5.58 -18.00
N ILE A 723 8.09 -4.53 -17.53
CA ILE A 723 7.47 -3.53 -16.66
C ILE A 723 7.66 -2.16 -17.27
N ILE A 724 6.64 -1.32 -17.16
CA ILE A 724 6.68 0.05 -17.64
C ILE A 724 6.31 0.96 -16.48
N LEU A 725 7.21 1.86 -16.13
CA LEU A 725 7.05 2.75 -15.00
C LEU A 725 6.69 4.14 -15.46
N SER A 726 5.74 4.77 -14.75
CA SER A 726 5.43 6.17 -14.93
C SER A 726 5.67 6.87 -13.60
N CYS A 727 6.68 7.75 -13.56
CA CYS A 727 7.01 8.43 -12.31
C CYS A 727 6.08 9.59 -12.01
N VAL A 728 5.34 10.08 -13.02
CA VAL A 728 4.25 11.05 -12.89
C VAL A 728 4.76 12.45 -12.59
N ARG A 729 5.42 12.61 -11.44
CA ARG A 729 5.74 13.94 -10.93
C ARG A 729 6.61 14.72 -11.92
N ALA A 730 6.15 15.91 -12.29
CA ALA A 730 6.93 16.82 -13.12
C ALA A 730 6.47 18.25 -12.79
N ASN A 731 7.22 18.91 -11.91
CA ASN A 731 6.89 20.27 -11.50
C ASN A 731 8.16 21.09 -11.42
N GLU A 732 8.13 22.30 -11.98
CA GLU A 732 9.30 23.15 -11.98
C GLU A 732 9.55 23.77 -10.61
N HIS A 733 8.49 24.20 -9.93
CA HIS A 733 8.62 24.93 -8.68
C HIS A 733 8.41 24.07 -7.44
N GLN A 734 8.14 22.77 -7.60
CA GLN A 734 7.88 21.89 -6.47
C GLN A 734 8.79 20.67 -6.53
N GLY A 735 8.70 19.84 -5.50
CA GLY A 735 9.51 18.64 -5.39
C GLY A 735 8.84 17.43 -6.01
N ILE A 736 9.57 16.33 -5.96
CA ILE A 736 9.08 15.08 -6.56
C ILE A 736 8.14 14.36 -5.61
N GLY A 737 8.23 14.66 -4.32
CA GLY A 737 7.45 13.94 -3.33
C GLY A 737 8.24 12.82 -2.70
N PHE A 738 7.60 11.67 -2.46
CA PHE A 738 8.31 10.55 -1.88
C PHE A 738 9.20 9.84 -2.88
N LEU A 739 9.26 10.30 -4.12
CA LEU A 739 10.16 9.70 -5.10
C LEU A 739 11.61 9.82 -4.68
N ASN A 740 11.94 10.75 -3.77
CA ASN A 740 13.30 10.86 -3.28
C ASN A 740 13.69 9.68 -2.41
N ASP A 741 12.72 8.88 -1.97
CA ASP A 741 13.00 7.72 -1.14
C ASP A 741 13.70 6.65 -1.96
N PRO A 742 14.94 6.30 -1.63
CA PRO A 742 15.66 5.29 -2.43
C PRO A 742 15.02 3.93 -2.44
N ARG A 743 14.24 3.57 -1.42
CA ARG A 743 13.66 2.24 -1.36
C ARG A 743 12.69 2.01 -2.52
N ARG A 744 11.86 3.00 -2.82
CA ARG A 744 10.91 2.85 -3.92
C ARG A 744 11.63 2.74 -5.25
N LEU A 745 12.71 3.50 -5.44
CA LEU A 745 13.51 3.34 -6.64
C LEU A 745 14.09 1.93 -6.72
N ASN A 746 14.56 1.41 -5.59
CA ASN A 746 15.10 0.05 -5.56
C ASN A 746 14.07 -0.95 -6.04
N VAL A 747 12.88 -0.93 -5.43
CA VAL A 747 11.88 -1.94 -5.78
C VAL A 747 11.41 -1.74 -7.21
N ALA A 748 11.30 -0.48 -7.65
CA ALA A 748 10.86 -0.21 -9.01
C ALA A 748 11.83 -0.75 -10.04
N LEU A 749 13.13 -0.55 -9.82
CA LEU A 749 14.11 -1.08 -10.77
C LEU A 749 14.24 -2.60 -10.68
N THR A 750 14.00 -3.19 -9.51
CA THR A 750 14.17 -4.62 -9.35
C THR A 750 12.89 -5.42 -9.57
N ARG A 751 11.79 -4.76 -9.94
CA ARG A 751 10.53 -5.49 -10.14
C ARG A 751 10.46 -6.24 -11.46
N ALA A 752 11.43 -6.07 -12.37
CA ALA A 752 11.32 -6.64 -13.69
C ALA A 752 12.05 -7.98 -13.80
N ARG A 753 11.90 -8.60 -14.96
CA ARG A 753 12.63 -9.80 -15.34
C ARG A 753 13.31 -9.70 -16.70
N TYR A 754 12.71 -8.96 -17.63
CA TYR A 754 13.19 -8.89 -19.00
C TYR A 754 13.43 -7.47 -19.48
N GLY A 755 12.59 -6.52 -19.11
CA GLY A 755 12.74 -5.16 -19.60
C GLY A 755 12.01 -4.15 -18.74
N VAL A 756 12.60 -2.97 -18.63
CA VAL A 756 12.00 -1.84 -17.91
C VAL A 756 11.90 -0.67 -18.88
N ILE A 757 10.73 -0.04 -18.93
CA ILE A 757 10.51 1.13 -19.75
C ILE A 757 10.15 2.27 -18.82
N ILE A 758 11.08 3.20 -18.61
CA ILE A 758 10.87 4.34 -17.72
C ILE A 758 10.27 5.48 -18.53
N VAL A 759 9.23 6.11 -17.99
CA VAL A 759 8.61 7.28 -18.62
C VAL A 759 8.55 8.40 -17.59
N GLY A 760 9.03 9.57 -17.96
CA GLY A 760 9.00 10.70 -17.05
C GLY A 760 9.72 11.89 -17.65
N ASN A 761 9.79 12.95 -16.84
CA ASN A 761 10.43 14.18 -17.26
C ASN A 761 11.80 14.29 -16.62
N PRO A 762 12.89 14.14 -17.38
CA PRO A 762 14.23 14.26 -16.77
C PRO A 762 14.49 15.62 -16.14
N LYS A 763 13.92 16.69 -16.69
CA LYS A 763 14.21 18.03 -16.17
C LYS A 763 13.76 18.18 -14.73
N ALA A 764 12.55 17.69 -14.41
CA ALA A 764 12.06 17.81 -13.05
C ALA A 764 12.75 16.83 -12.11
N LEU A 765 13.06 15.63 -12.62
CA LEU A 765 13.64 14.59 -11.77
C LEU A 765 15.11 14.85 -11.45
N SER A 766 15.81 15.59 -12.31
CA SER A 766 17.25 15.77 -12.14
C SER A 766 17.60 16.53 -10.88
N LYS A 767 16.65 17.23 -10.26
CA LYS A 767 16.96 17.98 -9.05
C LYS A 767 17.39 17.06 -7.92
N GLN A 768 16.71 15.93 -7.77
CA GLN A 768 17.08 14.99 -6.73
C GLN A 768 18.36 14.25 -7.13
N PRO A 769 19.36 14.18 -6.25
CA PRO A 769 20.67 13.61 -6.66
C PRO A 769 20.59 12.18 -7.15
N LEU A 770 19.77 11.33 -6.53
CA LEU A 770 19.70 9.93 -6.94
C LEU A 770 19.14 9.81 -8.35
N TRP A 771 18.08 10.56 -8.66
CA TRP A 771 17.56 10.56 -10.01
C TRP A 771 18.54 11.19 -10.99
N ASN A 772 19.36 12.13 -10.52
CA ASN A 772 20.41 12.66 -11.38
C ASN A 772 21.42 11.58 -11.73
N HIS A 773 21.78 10.74 -10.75
CA HIS A 773 22.64 9.60 -11.04
C HIS A 773 21.97 8.64 -12.01
N LEU A 774 20.68 8.41 -11.82
CA LEU A 774 19.92 7.58 -12.76
C LEU A 774 20.05 8.11 -14.18
N LEU A 775 19.80 9.41 -14.36
CA LEU A 775 19.85 10.01 -15.69
C LEU A 775 21.25 9.94 -16.27
N ASN A 776 22.27 10.20 -15.45
CA ASN A 776 23.64 10.16 -15.92
C ASN A 776 24.01 8.76 -16.39
N TYR A 777 23.66 7.74 -15.61
CA TYR A 777 23.95 6.37 -16.01
C TYR A 777 23.21 6.00 -17.29
N TYR A 778 21.93 6.39 -17.38
CA TYR A 778 21.15 6.05 -18.57
C TYR A 778 21.71 6.73 -19.81
N LYS A 779 22.17 7.98 -19.68
CA LYS A 779 22.81 8.65 -20.79
C LYS A 779 24.13 8.00 -21.16
N GLU A 780 24.87 7.50 -20.16
CA GLU A 780 26.12 6.81 -20.45
C GLU A 780 25.86 5.56 -21.29
N GLN A 781 24.79 4.83 -20.97
CA GLN A 781 24.39 3.70 -21.80
C GLN A 781 23.76 4.15 -23.11
N LYS A 782 23.51 5.45 -23.27
CA LYS A 782 22.96 6.01 -24.51
C LYS A 782 21.59 5.42 -24.83
N VAL A 783 20.72 5.37 -23.82
CA VAL A 783 19.37 4.86 -23.99
C VAL A 783 18.31 5.90 -23.62
N LEU A 784 18.72 7.14 -23.36
CA LEU A 784 17.77 8.24 -23.20
C LEU A 784 17.21 8.58 -24.57
N VAL A 785 15.92 8.33 -24.76
CA VAL A 785 15.30 8.48 -26.07
C VAL A 785 14.03 9.31 -25.94
N GLU A 786 13.77 10.12 -26.97
CA GLU A 786 12.58 10.97 -27.01
C GLU A 786 12.13 11.09 -28.46
N GLY A 787 10.86 11.45 -28.63
CA GLY A 787 10.30 11.65 -29.94
C GLY A 787 9.42 10.49 -30.39
N PRO A 788 9.30 10.32 -31.70
CA PRO A 788 8.42 9.25 -32.22
C PRO A 788 8.89 7.88 -31.77
N LEU A 789 7.92 7.00 -31.52
CA LEU A 789 8.26 5.62 -31.15
C LEU A 789 8.96 4.90 -32.30
N ASN A 790 8.46 5.08 -33.53
CA ASN A 790 9.10 4.46 -34.67
C ASN A 790 10.46 5.07 -34.94
N ASN A 791 10.58 6.39 -34.83
CA ASN A 791 11.82 7.12 -35.09
C ASN A 791 12.42 7.52 -33.75
N LEU A 792 13.20 6.62 -33.16
CA LEU A 792 13.83 6.88 -31.87
C LEU A 792 15.02 7.80 -32.04
N ARG A 793 15.12 8.81 -31.17
CA ARG A 793 16.21 9.78 -31.21
C ARG A 793 16.81 9.90 -29.83
N GLU A 794 18.14 9.84 -29.76
CA GLU A 794 18.83 10.02 -28.49
C GLU A 794 18.71 11.46 -28.02
N SER A 795 18.29 11.65 -26.77
CA SER A 795 18.10 12.98 -26.22
C SER A 795 19.42 13.70 -26.04
N LEU A 796 19.41 15.01 -26.27
CA LEU A 796 20.59 15.84 -26.11
C LEU A 796 20.68 16.51 -24.75
N MET A 797 19.68 16.33 -23.89
CA MET A 797 19.71 16.94 -22.57
C MET A 797 20.79 16.30 -21.71
N GLN A 798 21.47 17.13 -20.92
CA GLN A 798 22.55 16.67 -20.06
C GLN A 798 22.22 16.99 -18.61
N PHE A 799 22.57 16.06 -17.72
CA PHE A 799 22.31 16.23 -16.29
C PHE A 799 23.47 15.68 -15.46
ZN ZN C . -18.66 15.76 -14.55
ZN ZN D . -3.47 34.20 2.13
ZN ZN E . -12.48 23.83 3.46
#